data_1AUL
# 
_entry.id   1AUL 
# 
_audit_conform.dict_name       mmcif_pdbx.dic 
_audit_conform.dict_version    5.392 
_audit_conform.dict_location   http://mmcif.pdb.org/dictionaries/ascii/mmcif_pdbx.dic 
# 
loop_
_database_2.database_id 
_database_2.database_code 
_database_2.pdbx_database_accession 
_database_2.pdbx_DOI 
PDB   1AUL         pdb_00001aul 10.2210/pdb1aul/pdb 
WWPDB D_1000171277 ?            ?                   
# 
loop_
_pdbx_audit_revision_history.ordinal 
_pdbx_audit_revision_history.data_content_type 
_pdbx_audit_revision_history.major_revision 
_pdbx_audit_revision_history.minor_revision 
_pdbx_audit_revision_history.revision_date 
1 'Structure model' 1 0 1997-12-24 
2 'Structure model' 1 1 2008-03-24 
3 'Structure model' 1 2 2011-07-13 
4 'Structure model' 1 3 2022-02-16 
5 'Structure model' 1 4 2024-05-22 
# 
_pdbx_audit_revision_details.ordinal             1 
_pdbx_audit_revision_details.revision_ordinal    1 
_pdbx_audit_revision_details.data_content_type   'Structure model' 
_pdbx_audit_revision_details.provider            repository 
_pdbx_audit_revision_details.type                'Initial release' 
_pdbx_audit_revision_details.description         ? 
_pdbx_audit_revision_details.details             ? 
# 
loop_
_pdbx_audit_revision_group.ordinal 
_pdbx_audit_revision_group.revision_ordinal 
_pdbx_audit_revision_group.data_content_type 
_pdbx_audit_revision_group.group 
1 2 'Structure model' 'Version format compliance' 
2 3 'Structure model' 'Version format compliance' 
3 4 'Structure model' 'Database references'       
4 4 'Structure model' 'Derived calculations'      
5 4 'Structure model' Other                       
6 4 'Structure model' 'Structure summary'         
7 5 'Structure model' 'Data collection'           
# 
loop_
_pdbx_audit_revision_category.ordinal 
_pdbx_audit_revision_category.revision_ordinal 
_pdbx_audit_revision_category.data_content_type 
_pdbx_audit_revision_category.category 
1 4 'Structure model' chem_comp             
2 4 'Structure model' database_2            
3 4 'Structure model' pdbx_database_status  
4 4 'Structure model' pdbx_struct_assembly  
5 4 'Structure model' pdbx_struct_oper_list 
6 4 'Structure model' struct_conn           
7 5 'Structure model' chem_comp_atom        
8 5 'Structure model' chem_comp_bond        
# 
loop_
_pdbx_audit_revision_item.ordinal 
_pdbx_audit_revision_item.revision_ordinal 
_pdbx_audit_revision_item.data_content_type 
_pdbx_audit_revision_item.item 
1 4 'Structure model' '_chem_comp.name'                     
2 4 'Structure model' '_database_2.pdbx_DOI'                
3 4 'Structure model' '_database_2.pdbx_database_accession' 
4 4 'Structure model' '_pdbx_database_status.process_site'  
5 4 'Structure model' '_struct_conn.pdbx_leaving_atom_flag' 
# 
_pdbx_database_status.status_code                     REL 
_pdbx_database_status.entry_id                        1AUL 
_pdbx_database_status.recvd_initial_deposition_date   1997-08-29 
_pdbx_database_status.deposit_site                    ? 
_pdbx_database_status.process_site                    BNL 
_pdbx_database_status.SG_entry                        . 
_pdbx_database_status.pdb_format_compatible           Y 
_pdbx_database_status.status_code_mr                  ? 
_pdbx_database_status.status_code_sf                  ? 
_pdbx_database_status.status_code_cs                  ? 
_pdbx_database_status.status_code_nmr_data            ? 
_pdbx_database_status.methods_development_category    ? 
# 
loop_
_audit_author.name 
_audit_author.pdbx_ordinal 
'Kumar, S.'           1 
'Reed, M.W.'          2 
'Gamper Junior, H.B.' 3 
'Gorn, V.V.'          4 
'Lukhtanov, E.A.'     5 
'Foti, M.'            6 
'West, J.'            7 
'Meyer Junior, R.B.'  8 
'Schweitzer, B.I.'    9 
# 
_citation.id                        primary 
_citation.title                     'Solution structure of a highly stable DNA duplex conjugated to a minor groove binder.' 
_citation.journal_abbrev            'Nucleic Acids Res.' 
_citation.journal_volume            26 
_citation.page_first                831 
_citation.page_last                 838 
_citation.year                      1998 
_citation.journal_id_ASTM           NARHAD 
_citation.country                   UK 
_citation.journal_id_ISSN           0305-1048 
_citation.journal_id_CSD            0389 
_citation.book_publisher            ? 
_citation.pdbx_database_id_PubMed   9443977 
_citation.pdbx_database_id_DOI      10.1093/nar/26.3.831 
# 
loop_
_citation_author.citation_id 
_citation_author.name 
_citation_author.ordinal 
_citation_author.identifier_ORCID 
primary 'Kumar, S.'        1 ? 
primary 'Reed, M.W.'       2 ? 
primary 'Gamper Jr., H.B.' 3 ? 
primary 'Gorn, V.V.'       4 ? 
primary 'Lukhtanov, E.A.'  5 ? 
primary 'Foti, M.'         6 ? 
primary 'West, J.'         7 ? 
primary 'Meyer Jr., R.B.'  8 ? 
primary 'Schweitzer, B.I.' 9 ? 
# 
loop_
_entity.id 
_entity.type 
_entity.src_method 
_entity.pdbx_description 
_entity.formula_weight 
_entity.pdbx_number_of_molecules 
_entity.pdbx_ec 
_entity.pdbx_mutation 
_entity.pdbx_fragment 
_entity.details 
1 polymer syn 
;DNA (5'-D(P*THXP*GP*AP*TP*TP*AP*TP*CP*TP*G)-3')
;
3744.794 1 ? ? ? 'TRIPEPTIDE CDPI3 IS COVALENTLY LINKED TO THE T1 DNA RESIDUE WITH A HEXAMETHYLENE LINKER' 
2 polymer syn 
;DNA (5'-D(*CP*AP*GP*AP*TP*AP*AP*TP*CP*A)-3')
;
3037.032 1 ? ? ? 'TRIPEPTIDE CDPI3 IS COVALENTLY LINKED TO THE T1 DNA RESIDUE WITH A HEXAMETHYLENE LINKER' 
# 
loop_
_entity_poly.entity_id 
_entity_poly.type 
_entity_poly.nstd_linkage 
_entity_poly.nstd_monomer 
_entity_poly.pdbx_seq_one_letter_code 
_entity_poly.pdbx_seq_one_letter_code_can 
_entity_poly.pdbx_strand_id 
_entity_poly.pdbx_target_identifier 
1 polydeoxyribonucleotide no yes '(THX)(DG)(DA)(DT)(DT)(DA)(DT)(DC)(DT)(DG)' NGATTATCTG A ? 
2 polydeoxyribonucleotide no no  '(DC)(DA)(DG)(DA)(DT)(DA)(DA)(DT)(DC)(DA)'  CAGATAATCA B ? 
# 
loop_
_entity_poly_seq.entity_id 
_entity_poly_seq.num 
_entity_poly_seq.mon_id 
_entity_poly_seq.hetero 
1 1  THX n 
1 2  DG  n 
1 3  DA  n 
1 4  DT  n 
1 5  DT  n 
1 6  DA  n 
1 7  DT  n 
1 8  DC  n 
1 9  DT  n 
1 10 DG  n 
2 1  DC  n 
2 2  DA  n 
2 3  DG  n 
2 4  DA  n 
2 5  DT  n 
2 6  DA  n 
2 7  DA  n 
2 8  DT  n 
2 9  DC  n 
2 10 DA  n 
# 
loop_
_pdbx_entity_src_syn.entity_id 
_pdbx_entity_src_syn.pdbx_src_id 
_pdbx_entity_src_syn.pdbx_alt_source_flag 
_pdbx_entity_src_syn.pdbx_beg_seq_num 
_pdbx_entity_src_syn.pdbx_end_seq_num 
_pdbx_entity_src_syn.organism_scientific 
_pdbx_entity_src_syn.organism_common_name 
_pdbx_entity_src_syn.ncbi_taxonomy_id 
_pdbx_entity_src_syn.details 
1 1 sample ? ? ? ? ? 
;CDPI3 COVALENTLY LINKED TO 5' END OF DNA STRAND A WITH A HEXAMETHYLENE LINKER
;
2 1 sample ? ? ? ? ? 
;CDPI3 COVALENTLY LINKED TO 5' END OF DNA STRAND A WITH A HEXAMETHYLENE LINKER
;
# 
loop_
_chem_comp.id 
_chem_comp.type 
_chem_comp.mon_nstd_flag 
_chem_comp.name 
_chem_comp.pdbx_synonyms 
_chem_comp.formula 
_chem_comp.formula_weight 
DA  'DNA linking' y "2'-DEOXYADENOSINE-5'-MONOPHOSPHATE" ?     'C10 H14 N5 O6 P'   331.222  
DC  'DNA linking' y "2'-DEOXYCYTIDINE-5'-MONOPHOSPHATE" ?     'C9 H14 N3 O7 P'    307.197  
DG  'DNA linking' y "2'-DEOXYGUANOSINE-5'-MONOPHOSPHATE" ?     'C10 H14 N5 O7 P'   347.221  
DT  'DNA linking' y "THYMIDINE-5'-MONOPHOSPHATE" ?     'C10 H15 N2 O8 P'   322.208  
THX 'DNA linking' . 
;PHOSPHONIC ACID 6-({6-[6-(6-CARBAMOYL-3,6,7,8-TETRAHYDRO-3,6-DIAZA-AS-INDACENE-2-CARBONYL)-3,6,7,8-TETRAHYDRO-3,6-DIAZA-AS-INDOCENE-2-CA RBONYL]-3,6,7,8-TETRAHYDRO-3,6-DIAZA-AS-INDACENE-2-CARBONL}-AMINO)-HEXYL ESTER 5-(5-METHYL-2,4-DIOXO-3,4-DIHYDRO-2H-PYRIMIDIN-1-YL)-TETRAHYDRO-FURAN-2-YLMETHYL ESTER
;
CDPI3 'C50 H53 N10 O12 P' 1016.989 
# 
loop_
_pdbx_poly_seq_scheme.asym_id 
_pdbx_poly_seq_scheme.entity_id 
_pdbx_poly_seq_scheme.seq_id 
_pdbx_poly_seq_scheme.mon_id 
_pdbx_poly_seq_scheme.ndb_seq_num 
_pdbx_poly_seq_scheme.pdb_seq_num 
_pdbx_poly_seq_scheme.auth_seq_num 
_pdbx_poly_seq_scheme.pdb_mon_id 
_pdbx_poly_seq_scheme.auth_mon_id 
_pdbx_poly_seq_scheme.pdb_strand_id 
_pdbx_poly_seq_scheme.pdb_ins_code 
_pdbx_poly_seq_scheme.hetero 
A 1 1  THX 1  1  1  THX THX A . n 
A 1 2  DG  2  2  2  DG  G   A . n 
A 1 3  DA  3  3  3  DA  A   A . n 
A 1 4  DT  4  4  4  DT  T   A . n 
A 1 5  DT  5  5  5  DT  T   A . n 
A 1 6  DA  6  6  6  DA  A   A . n 
A 1 7  DT  7  7  7  DT  T   A . n 
A 1 8  DC  8  8  8  DC  C   A . n 
A 1 9  DT  9  9  9  DT  T   A . n 
A 1 10 DG  10 10 10 DG  G   A . n 
B 2 1  DC  1  11 11 DC  C   B . n 
B 2 2  DA  2  12 12 DA  A   B . n 
B 2 3  DG  3  13 13 DG  G   B . n 
B 2 4  DA  4  14 14 DA  A   B . n 
B 2 5  DT  5  15 15 DT  T   B . n 
B 2 6  DA  6  16 16 DA  A   B . n 
B 2 7  DA  7  17 17 DA  A   B . n 
B 2 8  DT  8  18 18 DT  T   B . n 
B 2 9  DC  9  19 19 DC  C   B . n 
B 2 10 DA  10 20 20 DA  A   B . n 
# 
loop_
_software.name 
_software.classification 
_software.version 
_software.citation_id 
_software.pdbx_ordinal 
X-PLOR 'model building' 3.1 ? 1 
X-PLOR refinement       3.1 ? 2 
X-PLOR phasing          3.1 ? 3 
# 
_cell.entry_id           1AUL 
_cell.length_a           1.000 
_cell.length_b           1.000 
_cell.length_c           1.000 
_cell.angle_alpha        90.00 
_cell.angle_beta         90.00 
_cell.angle_gamma        90.00 
_cell.Z_PDB              1 
_cell.pdbx_unique_axis   ? 
# 
_symmetry.entry_id                         1AUL 
_symmetry.space_group_name_H-M             'P 1' 
_symmetry.pdbx_full_space_group_name_H-M   ? 
_symmetry.cell_setting                     ? 
_symmetry.Int_Tables_number                1 
# 
_exptl.entry_id          1AUL 
_exptl.method            'SOLUTION NMR' 
_exptl.crystals_number   ? 
# 
_struct.entry_id                  1AUL 
_struct.title                     
'SOLUTION STRUCTURE OF A HIGHLY STABLE DNA DUPLEX CONJUGATED TO A MINOR GROOVE BINDER, NMR, MINIMIZED AVERAGE STRUCTURE' 
_struct.pdbx_model_details        ? 
_struct.pdbx_CASP_flag            ? 
_struct.pdbx_model_type_details   ? 
# 
_struct_keywords.entry_id        1AUL 
_struct_keywords.pdbx_keywords   DNA 
_struct_keywords.text            'DEOXYRIBONUCLEIC ACID, CDPI3, DNA' 
# 
loop_
_struct_asym.id 
_struct_asym.pdbx_blank_PDB_chainid_flag 
_struct_asym.pdbx_modified 
_struct_asym.entity_id 
_struct_asym.details 
A N N 1 ? 
B N N 2 ? 
# 
loop_
_struct_ref.id 
_struct_ref.entity_id 
_struct_ref.db_name 
_struct_ref.db_code 
_struct_ref.pdbx_db_accession 
_struct_ref.pdbx_db_isoform 
_struct_ref.pdbx_seq_one_letter_code 
_struct_ref.pdbx_align_begin 
1 1 PDB 1AUL 1AUL ? ? ? 
2 2 PDB 1AUL 1AUL ? ? ? 
# 
loop_
_struct_ref_seq.align_id 
_struct_ref_seq.ref_id 
_struct_ref_seq.pdbx_PDB_id_code 
_struct_ref_seq.pdbx_strand_id 
_struct_ref_seq.seq_align_beg 
_struct_ref_seq.pdbx_seq_align_beg_ins_code 
_struct_ref_seq.seq_align_end 
_struct_ref_seq.pdbx_seq_align_end_ins_code 
_struct_ref_seq.pdbx_db_accession 
_struct_ref_seq.db_align_beg 
_struct_ref_seq.pdbx_db_align_beg_ins_code 
_struct_ref_seq.db_align_end 
_struct_ref_seq.pdbx_db_align_end_ins_code 
_struct_ref_seq.pdbx_auth_seq_align_beg 
_struct_ref_seq.pdbx_auth_seq_align_end 
1 1 1AUL A 1 ? 10 ? 1AUL 1  ? 10 ? 1  10 
2 2 1AUL B 1 ? 10 ? 1AUL 11 ? 20 ? 11 20 
# 
_pdbx_struct_assembly.id                   1 
_pdbx_struct_assembly.details              author_defined_assembly 
_pdbx_struct_assembly.method_details       ? 
_pdbx_struct_assembly.oligomeric_details   dimeric 
_pdbx_struct_assembly.oligomeric_count     2 
# 
_pdbx_struct_assembly_gen.assembly_id       1 
_pdbx_struct_assembly_gen.oper_expression   1 
_pdbx_struct_assembly_gen.asym_id_list      A,B 
# 
_pdbx_struct_oper_list.id                   1 
_pdbx_struct_oper_list.type                 'identity operation' 
_pdbx_struct_oper_list.name                 1_555 
_pdbx_struct_oper_list.symmetry_operation   x,y,z 
_pdbx_struct_oper_list.matrix[1][1]         1.0000000000 
_pdbx_struct_oper_list.matrix[1][2]         0.0000000000 
_pdbx_struct_oper_list.matrix[1][3]         0.0000000000 
_pdbx_struct_oper_list.vector[1]            0.0000000000 
_pdbx_struct_oper_list.matrix[2][1]         0.0000000000 
_pdbx_struct_oper_list.matrix[2][2]         1.0000000000 
_pdbx_struct_oper_list.matrix[2][3]         0.0000000000 
_pdbx_struct_oper_list.vector[2]            0.0000000000 
_pdbx_struct_oper_list.matrix[3][1]         0.0000000000 
_pdbx_struct_oper_list.matrix[3][2]         0.0000000000 
_pdbx_struct_oper_list.matrix[3][3]         1.0000000000 
_pdbx_struct_oper_list.vector[3]            0.0000000000 
# 
_struct_biol.id   1 
# 
loop_
_struct_conn.id 
_struct_conn.conn_type_id 
_struct_conn.pdbx_leaving_atom_flag 
_struct_conn.pdbx_PDB_id 
_struct_conn.ptnr1_label_asym_id 
_struct_conn.ptnr1_label_comp_id 
_struct_conn.ptnr1_label_seq_id 
_struct_conn.ptnr1_label_atom_id 
_struct_conn.pdbx_ptnr1_label_alt_id 
_struct_conn.pdbx_ptnr1_PDB_ins_code 
_struct_conn.pdbx_ptnr1_standard_comp_id 
_struct_conn.ptnr1_symmetry 
_struct_conn.ptnr2_label_asym_id 
_struct_conn.ptnr2_label_comp_id 
_struct_conn.ptnr2_label_seq_id 
_struct_conn.ptnr2_label_atom_id 
_struct_conn.pdbx_ptnr2_label_alt_id 
_struct_conn.pdbx_ptnr2_PDB_ins_code 
_struct_conn.ptnr1_auth_asym_id 
_struct_conn.ptnr1_auth_comp_id 
_struct_conn.ptnr1_auth_seq_id 
_struct_conn.ptnr2_auth_asym_id 
_struct_conn.ptnr2_auth_comp_id 
_struct_conn.ptnr2_auth_seq_id 
_struct_conn.ptnr2_symmetry 
_struct_conn.pdbx_ptnr3_label_atom_id 
_struct_conn.pdbx_ptnr3_label_seq_id 
_struct_conn.pdbx_ptnr3_label_comp_id 
_struct_conn.pdbx_ptnr3_label_asym_id 
_struct_conn.pdbx_ptnr3_label_alt_id 
_struct_conn.pdbx_ptnr3_PDB_ins_code 
_struct_conn.details 
_struct_conn.pdbx_dist_value 
_struct_conn.pdbx_value_order 
_struct_conn.pdbx_role 
covale1  covale one ? A THX 1  "O3'" ? ? ? 1_555 A DG 2 P  ? ? A THX 1  A DG 2  1_555 ? ? ? ? ? ? ?            1.734 ? ? 
hydrog1  hydrog ?   ? A DG  2  N1    ? ? ? 1_555 B DC 9 N3 ? ? A DG  2  B DC 19 1_555 ? ? ? ? ? ? 'DG-DC PAIR' ?     ? ? 
hydrog2  hydrog ?   ? A DA  3  N1    ? ? ? 1_555 B DT 8 N3 ? ? A DA  3  B DT 18 1_555 ? ? ? ? ? ? WATSON-CRICK ?     ? ? 
hydrog3  hydrog ?   ? A DA  3  N6    ? ? ? 1_555 B DT 8 O4 ? ? A DA  3  B DT 18 1_555 ? ? ? ? ? ? WATSON-CRICK ?     ? ? 
hydrog4  hydrog ?   ? A DT  4  O4    ? ? ? 1_555 B DA 6 N6 ? ? A DT  4  B DA 16 1_555 ? ? ? ? ? ? 'DT-DA PAIR' ?     ? ? 
hydrog5  hydrog ?   ? A DT  4  N3    ? ? ? 1_555 B DA 7 N1 ? ? A DT  4  B DA 17 1_555 ? ? ? ? ? ? WATSON-CRICK ?     ? ? 
hydrog6  hydrog ?   ? A DT  4  O4    ? ? ? 1_555 B DA 7 N6 ? ? A DT  4  B DA 17 1_555 ? ? ? ? ? ? WATSON-CRICK ?     ? ? 
hydrog7  hydrog ?   ? A DT  5  N3    ? ? ? 1_555 B DA 6 N1 ? ? A DT  5  B DA 16 1_555 ? ? ? ? ? ? WATSON-CRICK ?     ? ? 
hydrog8  hydrog ?   ? A DT  5  O4    ? ? ? 1_555 B DA 6 N6 ? ? A DT  5  B DA 16 1_555 ? ? ? ? ? ? WATSON-CRICK ?     ? ? 
hydrog9  hydrog ?   ? A DA  6  N1    ? ? ? 1_555 B DT 5 N3 ? ? A DA  6  B DT 15 1_555 ? ? ? ? ? ? WATSON-CRICK ?     ? ? 
hydrog10 hydrog ?   ? A DA  6  N6    ? ? ? 1_555 B DT 5 O4 ? ? A DA  6  B DT 15 1_555 ? ? ? ? ? ? WATSON-CRICK ?     ? ? 
hydrog11 hydrog ?   ? A DT  7  N3    ? ? ? 1_555 B DA 4 N1 ? ? A DT  7  B DA 14 1_555 ? ? ? ? ? ? WATSON-CRICK ?     ? ? 
hydrog12 hydrog ?   ? A DT  7  O4    ? ? ? 1_555 B DA 4 N6 ? ? A DT  7  B DA 14 1_555 ? ? ? ? ? ? WATSON-CRICK ?     ? ? 
hydrog13 hydrog ?   ? A DC  8  N3    ? ? ? 1_555 B DG 3 N1 ? ? A DC  8  B DG 13 1_555 ? ? ? ? ? ? WATSON-CRICK ?     ? ? 
hydrog14 hydrog ?   ? A DC  8  N4    ? ? ? 1_555 B DG 3 O6 ? ? A DC  8  B DG 13 1_555 ? ? ? ? ? ? WATSON-CRICK ?     ? ? 
hydrog15 hydrog ?   ? A DC  8  O2    ? ? ? 1_555 B DG 3 N2 ? ? A DC  8  B DG 13 1_555 ? ? ? ? ? ? WATSON-CRICK ?     ? ? 
hydrog16 hydrog ?   ? A DT  9  N3    ? ? ? 1_555 B DA 2 N1 ? ? A DT  9  B DA 12 1_555 ? ? ? ? ? ? WATSON-CRICK ?     ? ? 
hydrog17 hydrog ?   ? A DT  9  O4    ? ? ? 1_555 B DA 2 N6 ? ? A DT  9  B DA 12 1_555 ? ? ? ? ? ? WATSON-CRICK ?     ? ? 
hydrog18 hydrog ?   ? A DG  10 N1    ? ? ? 1_555 B DC 1 N3 ? ? A DG  10 B DC 11 1_555 ? ? ? ? ? ? WATSON-CRICK ?     ? ? 
hydrog19 hydrog ?   ? A DG  10 N2    ? ? ? 1_555 B DC 1 O2 ? ? A DG  10 B DC 11 1_555 ? ? ? ? ? ? WATSON-CRICK ?     ? ? 
hydrog20 hydrog ?   ? A DG  10 O6    ? ? ? 1_555 B DC 1 N4 ? ? A DG  10 B DC 11 1_555 ? ? ? ? ? ? WATSON-CRICK ?     ? ? 
# 
loop_
_struct_conn_type.id 
_struct_conn_type.criteria 
_struct_conn_type.reference 
covale ? ? 
hydrog ? ? 
# 
loop_
_pdbx_validate_close_contact.id 
_pdbx_validate_close_contact.PDB_model_num 
_pdbx_validate_close_contact.auth_atom_id_1 
_pdbx_validate_close_contact.auth_asym_id_1 
_pdbx_validate_close_contact.auth_comp_id_1 
_pdbx_validate_close_contact.auth_seq_id_1 
_pdbx_validate_close_contact.PDB_ins_code_1 
_pdbx_validate_close_contact.label_alt_id_1 
_pdbx_validate_close_contact.auth_atom_id_2 
_pdbx_validate_close_contact.auth_asym_id_2 
_pdbx_validate_close_contact.auth_comp_id_2 
_pdbx_validate_close_contact.auth_seq_id_2 
_pdbx_validate_close_contact.PDB_ins_code_2 
_pdbx_validate_close_contact.label_alt_id_2 
_pdbx_validate_close_contact.dist 
1 1 O4 A THX 1 ? ? H61 B DA 20 ? ? 1.39 
2 1 H3 A THX 1 ? ? N1  B DA 20 ? ? 1.57 
# 
loop_
_pdbx_validate_rmsd_bond.id 
_pdbx_validate_rmsd_bond.PDB_model_num 
_pdbx_validate_rmsd_bond.auth_atom_id_1 
_pdbx_validate_rmsd_bond.auth_asym_id_1 
_pdbx_validate_rmsd_bond.auth_comp_id_1 
_pdbx_validate_rmsd_bond.auth_seq_id_1 
_pdbx_validate_rmsd_bond.PDB_ins_code_1 
_pdbx_validate_rmsd_bond.label_alt_id_1 
_pdbx_validate_rmsd_bond.auth_atom_id_2 
_pdbx_validate_rmsd_bond.auth_asym_id_2 
_pdbx_validate_rmsd_bond.auth_comp_id_2 
_pdbx_validate_rmsd_bond.auth_seq_id_2 
_pdbx_validate_rmsd_bond.PDB_ins_code_2 
_pdbx_validate_rmsd_bond.label_alt_id_2 
_pdbx_validate_rmsd_bond.bond_value 
_pdbx_validate_rmsd_bond.bond_target_value 
_pdbx_validate_rmsd_bond.bond_deviation 
_pdbx_validate_rmsd_bond.bond_standard_deviation 
_pdbx_validate_rmsd_bond.linker_flag 
1  1 "O3'" A THX 1  ? ? P     A DG 2  ? ? 1.734 1.607 0.127  0.012 Y 
2  1 P     A DG  2  ? ? "O5'" A DG 2  ? ? 1.742 1.593 0.149  0.010 N 
3  1 "O3'" A DG  2  ? ? P     A DA 3  ? ? 1.730 1.607 0.123  0.012 Y 
4  1 P     A DA  3  ? ? "O5'" A DA 3  ? ? 1.726 1.593 0.133  0.010 N 
5  1 N9    A DA  3  ? ? C4    A DA 3  ? ? 1.332 1.374 -0.042 0.006 N 
6  1 "O3'" A DA  3  ? ? P     A DT 4  ? ? 1.731 1.607 0.124  0.012 Y 
7  1 P     A DT  4  ? ? "O5'" A DT 4  ? ? 1.733 1.593 0.140  0.010 N 
8  1 "O3'" A DT  4  ? ? P     A DT 5  ? ? 1.725 1.607 0.118  0.012 Y 
9  1 P     A DT  5  ? ? "O5'" A DT 5  ? ? 1.716 1.593 0.123  0.010 N 
10 1 "O3'" A DT  5  ? ? P     A DA 6  ? ? 1.722 1.607 0.115  0.012 Y 
11 1 P     A DA  6  ? ? "O5'" A DA 6  ? ? 1.727 1.593 0.134  0.010 N 
12 1 "C3'" A DA  6  ? ? "C2'" A DA 6  ? ? 1.652 1.518 0.134  0.012 N 
13 1 "O3'" A DA  6  ? ? P     A DT 7  ? ? 1.729 1.607 0.122  0.012 Y 
14 1 P     A DT  7  ? ? "O5'" A DT 7  ? ? 1.730 1.593 0.137  0.010 N 
15 1 "O3'" A DT  7  ? ? P     A DC 8  ? ? 1.734 1.607 0.127  0.012 Y 
16 1 P     A DC  8  ? ? "O5'" A DC 8  ? ? 1.733 1.593 0.140  0.010 N 
17 1 "O3'" A DC  8  ? ? P     A DT 9  ? ? 1.730 1.607 0.123  0.012 Y 
18 1 P     A DT  9  ? ? "O5'" A DT 9  ? ? 1.726 1.593 0.133  0.010 N 
19 1 "C2'" A DT  9  ? ? "C1'" A DT 9  ? ? 1.589 1.519 0.070  0.010 N 
20 1 "O3'" A DT  9  ? ? P     A DG 10 ? ? 1.732 1.607 0.125  0.012 Y 
21 1 P     A DG  10 ? ? "O5'" A DG 10 ? ? 1.732 1.593 0.139  0.010 N 
22 1 "C2'" B DC  11 ? ? "C1'" B DC 11 ? ? 1.584 1.519 0.065  0.010 N 
23 1 "O3'" B DC  11 ? ? P     B DA 12 ? ? 1.737 1.607 0.130  0.012 Y 
24 1 P     B DA  12 ? ? "O5'" B DA 12 ? ? 1.733 1.593 0.140  0.010 N 
25 1 "O3'" B DA  12 ? ? P     B DG 13 ? ? 1.726 1.607 0.119  0.012 Y 
26 1 P     B DG  13 ? ? "O5'" B DG 13 ? ? 1.727 1.593 0.134  0.010 N 
27 1 "O3'" B DG  13 ? ? P     B DA 14 ? ? 1.728 1.607 0.121  0.012 Y 
28 1 P     B DA  14 ? ? "O5'" B DA 14 ? ? 1.726 1.593 0.133  0.010 N 
29 1 "O3'" B DA  14 ? ? P     B DT 15 ? ? 1.731 1.607 0.124  0.012 Y 
30 1 P     B DT  15 ? ? "O5'" B DT 15 ? ? 1.736 1.593 0.143  0.010 N 
31 1 "O3'" B DT  15 ? ? P     B DA 16 ? ? 1.728 1.607 0.121  0.012 Y 
32 1 P     B DA  16 ? ? "O5'" B DA 16 ? ? 1.730 1.593 0.137  0.010 N 
33 1 "C2'" B DA  16 ? ? "C1'" B DA 16 ? ? 1.581 1.519 0.062  0.010 N 
34 1 "O3'" B DA  16 ? ? P     B DA 17 ? ? 1.723 1.607 0.116  0.012 Y 
35 1 P     B DA  17 ? ? "O5'" B DA 17 ? ? 1.718 1.593 0.125  0.010 N 
36 1 "O3'" B DA  17 ? ? P     B DT 18 ? ? 1.724 1.607 0.117  0.012 Y 
37 1 P     B DT  18 ? ? "O5'" B DT 18 ? ? 1.744 1.593 0.151  0.010 N 
38 1 "O3'" B DT  18 ? ? P     B DC 19 ? ? 1.752 1.607 0.145  0.012 Y 
39 1 P     B DC  19 ? ? "O5'" B DC 19 ? ? 1.738 1.593 0.145  0.010 N 
40 1 "C2'" B DC  19 ? ? "C1'" B DC 19 ? ? 1.601 1.519 0.082  0.010 N 
41 1 "O3'" B DC  19 ? ? P     B DA 20 ? ? 1.736 1.607 0.129  0.012 Y 
42 1 P     B DA  20 ? ? "O5'" B DA 20 ? ? 1.726 1.593 0.133  0.010 N 
43 1 "C3'" B DA  20 ? ? "C2'" B DA 20 ? ? 1.593 1.518 0.075  0.012 N 
# 
loop_
_pdbx_validate_rmsd_angle.id 
_pdbx_validate_rmsd_angle.PDB_model_num 
_pdbx_validate_rmsd_angle.auth_atom_id_1 
_pdbx_validate_rmsd_angle.auth_asym_id_1 
_pdbx_validate_rmsd_angle.auth_comp_id_1 
_pdbx_validate_rmsd_angle.auth_seq_id_1 
_pdbx_validate_rmsd_angle.PDB_ins_code_1 
_pdbx_validate_rmsd_angle.label_alt_id_1 
_pdbx_validate_rmsd_angle.auth_atom_id_2 
_pdbx_validate_rmsd_angle.auth_asym_id_2 
_pdbx_validate_rmsd_angle.auth_comp_id_2 
_pdbx_validate_rmsd_angle.auth_seq_id_2 
_pdbx_validate_rmsd_angle.PDB_ins_code_2 
_pdbx_validate_rmsd_angle.label_alt_id_2 
_pdbx_validate_rmsd_angle.auth_atom_id_3 
_pdbx_validate_rmsd_angle.auth_asym_id_3 
_pdbx_validate_rmsd_angle.auth_comp_id_3 
_pdbx_validate_rmsd_angle.auth_seq_id_3 
_pdbx_validate_rmsd_angle.PDB_ins_code_3 
_pdbx_validate_rmsd_angle.label_alt_id_3 
_pdbx_validate_rmsd_angle.angle_value 
_pdbx_validate_rmsd_angle.angle_target_value 
_pdbx_validate_rmsd_angle.angle_deviation 
_pdbx_validate_rmsd_angle.angle_standard_deviation 
_pdbx_validate_rmsd_angle.linker_flag 
1 1 C5 A DG 10 ? ? C6 A DG 10 ? ? O6 A DG 10 ? ? 124.88 128.60 -3.72 0.60 N 
2 1 C5 B DG 13 ? ? C6 B DG 13 ? ? O6 B DG 13 ? ? 124.88 128.60 -3.72 0.60 N 
# 
loop_
_pdbx_validate_planes.id 
_pdbx_validate_planes.PDB_model_num 
_pdbx_validate_planes.auth_comp_id 
_pdbx_validate_planes.auth_asym_id 
_pdbx_validate_planes.auth_seq_id 
_pdbx_validate_planes.PDB_ins_code 
_pdbx_validate_planes.label_alt_id 
_pdbx_validate_planes.rmsd 
_pdbx_validate_planes.type 
1 1 DC B 19 ? ? 0.072 'SIDE CHAIN' 
2 1 DA B 20 ? ? 0.059 'SIDE CHAIN' 
# 
_pdbx_validate_polymer_linkage.id               1 
_pdbx_validate_polymer_linkage.PDB_model_num    1 
_pdbx_validate_polymer_linkage.auth_atom_id_1   "O3'" 
_pdbx_validate_polymer_linkage.auth_asym_id_1   B 
_pdbx_validate_polymer_linkage.auth_comp_id_1   DT 
_pdbx_validate_polymer_linkage.auth_seq_id_1    18 
_pdbx_validate_polymer_linkage.PDB_ins_code_1   ? 
_pdbx_validate_polymer_linkage.label_alt_id_1   ? 
_pdbx_validate_polymer_linkage.auth_atom_id_2   P 
_pdbx_validate_polymer_linkage.auth_asym_id_2   B 
_pdbx_validate_polymer_linkage.auth_comp_id_2   DC 
_pdbx_validate_polymer_linkage.auth_seq_id_2    19 
_pdbx_validate_polymer_linkage.PDB_ins_code_2   ? 
_pdbx_validate_polymer_linkage.label_alt_id_2   ? 
_pdbx_validate_polymer_linkage.dist             1.75 
# 
_pdbx_nmr_ensemble.entry_id                             1AUL 
_pdbx_nmr_ensemble.conformers_calculated_total_number   6 
_pdbx_nmr_ensemble.conformers_submitted_total_number    1 
_pdbx_nmr_ensemble.conformer_selection_criteria         'LEAST RESTRAINT VIOLATION' 
# 
_pdbx_nmr_exptl_sample_conditions.conditions_id       1 
_pdbx_nmr_exptl_sample_conditions.temperature         293.15 
_pdbx_nmr_exptl_sample_conditions.pressure            ? 
_pdbx_nmr_exptl_sample_conditions.pH                  6.0 
_pdbx_nmr_exptl_sample_conditions.ionic_strength      ? 
_pdbx_nmr_exptl_sample_conditions.pressure_units      . 
_pdbx_nmr_exptl_sample_conditions.temperature_units   K 
# 
loop_
_pdbx_nmr_exptl.experiment_id 
_pdbx_nmr_exptl.conditions_id 
_pdbx_nmr_exptl.type 
_pdbx_nmr_exptl.solution_id 
1 1 NOESY       1 
2 1 DQF-COSY    1 
3 1 HETEROTOCSY 1 
4 1 TOCSY       1 
# 
_pdbx_nmr_refine.entry_id           1AUL 
_pdbx_nmr_refine.method             'RESTRAINED MOLECULAR DYNAMICS/RELAXATION MATRIX REFINEMENT' 
_pdbx_nmr_refine.details            
;CANONICAL B-TYPE STRUCTURE USED IN RESTRAINED MOLECULAR DYNAMICS CALCULATIONS GENERATING SIX STRUCTURES FROM DIFFERENT RANDOM NUMBER SEEDS. THE SIX STRUCTURES WERE SUBJECTED TO RELAXATION MATRIX REFINEMENT TO GENERATE THE SIX FINAL STRUCTURES. THESE SIX STRUCTURES WERE AVERAGED AND MINIMIZED TO GIVE THE FINAL STRUCTURE PRESENTED HERE.
;
_pdbx_nmr_refine.software_ordinal   1 
# 
loop_
_pdbx_nmr_software.classification 
_pdbx_nmr_software.name 
_pdbx_nmr_software.version 
_pdbx_nmr_software.authors 
_pdbx_nmr_software.ordinal 
refinement           X-PLOR ?   BRUNGER 1 
'structure solution' X-PLOR 3.1 ?       2 
# 
loop_
_chem_comp_atom.comp_id 
_chem_comp_atom.atom_id 
_chem_comp_atom.type_symbol 
_chem_comp_atom.pdbx_aromatic_flag 
_chem_comp_atom.pdbx_stereo_config 
_chem_comp_atom.pdbx_ordinal 
DA  OP3    O N N 1   
DA  P      P N N 2   
DA  OP1    O N N 3   
DA  OP2    O N N 4   
DA  "O5'"  O N N 5   
DA  "C5'"  C N N 6   
DA  "C4'"  C N R 7   
DA  "O4'"  O N N 8   
DA  "C3'"  C N S 9   
DA  "O3'"  O N N 10  
DA  "C2'"  C N N 11  
DA  "C1'"  C N R 12  
DA  N9     N Y N 13  
DA  C8     C Y N 14  
DA  N7     N Y N 15  
DA  C5     C Y N 16  
DA  C6     C Y N 17  
DA  N6     N N N 18  
DA  N1     N Y N 19  
DA  C2     C Y N 20  
DA  N3     N Y N 21  
DA  C4     C Y N 22  
DA  HOP3   H N N 23  
DA  HOP2   H N N 24  
DA  "H5'"  H N N 25  
DA  "H5''" H N N 26  
DA  "H4'"  H N N 27  
DA  "H3'"  H N N 28  
DA  "HO3'" H N N 29  
DA  "H2'"  H N N 30  
DA  "H2''" H N N 31  
DA  "H1'"  H N N 32  
DA  H8     H N N 33  
DA  H61    H N N 34  
DA  H62    H N N 35  
DA  H2     H N N 36  
DC  OP3    O N N 37  
DC  P      P N N 38  
DC  OP1    O N N 39  
DC  OP2    O N N 40  
DC  "O5'"  O N N 41  
DC  "C5'"  C N N 42  
DC  "C4'"  C N R 43  
DC  "O4'"  O N N 44  
DC  "C3'"  C N S 45  
DC  "O3'"  O N N 46  
DC  "C2'"  C N N 47  
DC  "C1'"  C N R 48  
DC  N1     N N N 49  
DC  C2     C N N 50  
DC  O2     O N N 51  
DC  N3     N N N 52  
DC  C4     C N N 53  
DC  N4     N N N 54  
DC  C5     C N N 55  
DC  C6     C N N 56  
DC  HOP3   H N N 57  
DC  HOP2   H N N 58  
DC  "H5'"  H N N 59  
DC  "H5''" H N N 60  
DC  "H4'"  H N N 61  
DC  "H3'"  H N N 62  
DC  "HO3'" H N N 63  
DC  "H2'"  H N N 64  
DC  "H2''" H N N 65  
DC  "H1'"  H N N 66  
DC  H41    H N N 67  
DC  H42    H N N 68  
DC  H5     H N N 69  
DC  H6     H N N 70  
DG  OP3    O N N 71  
DG  P      P N N 72  
DG  OP1    O N N 73  
DG  OP2    O N N 74  
DG  "O5'"  O N N 75  
DG  "C5'"  C N N 76  
DG  "C4'"  C N R 77  
DG  "O4'"  O N N 78  
DG  "C3'"  C N S 79  
DG  "O3'"  O N N 80  
DG  "C2'"  C N N 81  
DG  "C1'"  C N R 82  
DG  N9     N Y N 83  
DG  C8     C Y N 84  
DG  N7     N Y N 85  
DG  C5     C Y N 86  
DG  C6     C N N 87  
DG  O6     O N N 88  
DG  N1     N N N 89  
DG  C2     C N N 90  
DG  N2     N N N 91  
DG  N3     N N N 92  
DG  C4     C Y N 93  
DG  HOP3   H N N 94  
DG  HOP2   H N N 95  
DG  "H5'"  H N N 96  
DG  "H5''" H N N 97  
DG  "H4'"  H N N 98  
DG  "H3'"  H N N 99  
DG  "HO3'" H N N 100 
DG  "H2'"  H N N 101 
DG  "H2''" H N N 102 
DG  "H1'"  H N N 103 
DG  H8     H N N 104 
DG  H1     H N N 105 
DG  H21    H N N 106 
DG  H22    H N N 107 
DT  OP3    O N N 108 
DT  P      P N N 109 
DT  OP1    O N N 110 
DT  OP2    O N N 111 
DT  "O5'"  O N N 112 
DT  "C5'"  C N N 113 
DT  "C4'"  C N R 114 
DT  "O4'"  O N N 115 
DT  "C3'"  C N S 116 
DT  "O3'"  O N N 117 
DT  "C2'"  C N N 118 
DT  "C1'"  C N R 119 
DT  N1     N N N 120 
DT  C2     C N N 121 
DT  O2     O N N 122 
DT  N3     N N N 123 
DT  C4     C N N 124 
DT  O4     O N N 125 
DT  C5     C N N 126 
DT  C7     C N N 127 
DT  C6     C N N 128 
DT  HOP3   H N N 129 
DT  HOP2   H N N 130 
DT  "H5'"  H N N 131 
DT  "H5''" H N N 132 
DT  "H4'"  H N N 133 
DT  "H3'"  H N N 134 
DT  "HO3'" H N N 135 
DT  "H2'"  H N N 136 
DT  "H2''" H N N 137 
DT  "H1'"  H N N 138 
DT  H3     H N N 139 
DT  H71    H N N 140 
DT  H72    H N N 141 
DT  H73    H N N 142 
DT  H6     H N N 143 
THX "C1'"  C N R 144 
THX C10    C N N 145 
THX C11    C N N 146 
THX C12    C N N 147 
THX C13    C N N 148 
THX C14    C Y N 149 
THX C15    C Y N 150 
THX C16    C Y N 151 
THX C17    C Y N 152 
THX C18    C Y N 153 
THX C19    C Y N 154 
THX C2     C N N 155 
THX "C2'"  C N N 156 
THX C20    C Y N 157 
THX C21    C Y N 158 
THX C22    C N N 159 
THX C23    C N N 160 
THX C24    C N N 161 
THX C25    C Y N 162 
THX C26    C Y N 163 
THX C27    C Y N 164 
THX C28    C Y N 165 
THX C29    C Y N 166 
THX "C3'"  C N S 167 
THX C30    C Y N 168 
THX C31    C Y N 169 
THX C32    C Y N 170 
THX C33    C N N 171 
THX C34    C N N 172 
THX C35    C N N 173 
THX C36    C Y N 174 
THX C37    C Y N 175 
THX C38    C Y N 176 
THX C39    C Y N 177 
THX C4     C N N 178 
THX "C4'"  C N R 179 
THX C40    C Y N 180 
THX C41    C Y N 181 
THX C42    C Y N 182 
THX C43    C Y N 183 
THX C44    C N N 184 
THX C45    C N N 185 
THX C46    C N N 186 
THX C5     C N N 187 
THX "C5'"  C N N 188 
THX C5M    C N N 189 
THX C6     C N N 190 
THX C7     C N N 191 
THX C8     C N N 192 
THX C9     C N N 193 
THX N1     N N N 194 
THX N10    N N N 195 
THX N15    N N N 196 
THX N3     N N N 197 
THX N4     N N N 198 
THX N5     N Y N 199 
THX N6     N N N 200 
THX N7     N Y N 201 
THX N8     N N N 202 
THX N9     N Y N 203 
THX O1P    O N N 204 
THX O2     O N N 205 
THX O2P    O N N 206 
THX "O3'"  O N N 207 
THX O3P    O N N 208 
THX O4     O N N 209 
THX "O4'"  O N N 210 
THX "O5'"  O N N 211 
THX O6     O N N 212 
THX O7     O N N 213 
THX O8     O N N 214 
THX O9     O N N 215 
THX P      P N S 216 
THX "H1'"  H N N 217 
THX H101   H N N 218 
THX H102   H N N 219 
THX H111   H N N 220 
THX H112   H N N 221 
THX H121   H N N 222 
THX H122   H N N 223 
THX H15    H N N 224 
THX H18    H N N 225 
THX H19    H N N 226 
THX "H2'1" H N N 227 
THX "H2'2" H N N 228 
THX H221   H N N 229 
THX H222   H N N 230 
THX H231   H N N 231 
THX H232   H N N 232 
THX H26    H N N 233 
THX H29    H N N 234 
THX "H3'"  H N N 235 
THX H30    H N N 236 
THX H331   H N N 237 
THX H332   H N N 238 
THX H341   H N N 239 
THX H342   H N N 240 
THX H37    H N N 241 
THX "H4'"  H N N 242 
THX H40    H N N 243 
THX H41    H N N 244 
THX H441   H N N 245 
THX H442   H N N 246 
THX H451   H N N 247 
THX H452   H N N 248 
THX "H5'1" H N N 249 
THX "H5'2" H N N 250 
THX H5M1   H N N 251 
THX H5M2   H N N 252 
THX H5M3   H N N 253 
THX H6     H N N 254 
THX H71    H N N 255 
THX H72    H N N 256 
THX H81    H N N 257 
THX H82    H N N 258 
THX H91    H N N 259 
THX H92    H N N 260 
THX H151   H N N 261 
THX H152   H N N 262 
THX H3     H N N 263 
THX HN4    H N N 264 
THX HN5    H N N 265 
THX HN7    H N N 266 
THX HN9    H N N 267 
THX HOP2   H N N 268 
THX "HO'3" H N N 269 
# 
loop_
_chem_comp_bond.comp_id 
_chem_comp_bond.atom_id_1 
_chem_comp_bond.atom_id_2 
_chem_comp_bond.value_order 
_chem_comp_bond.pdbx_aromatic_flag 
_chem_comp_bond.pdbx_stereo_config 
_chem_comp_bond.pdbx_ordinal 
DA  OP3   P      sing N N 1   
DA  OP3   HOP3   sing N N 2   
DA  P     OP1    doub N N 3   
DA  P     OP2    sing N N 4   
DA  P     "O5'"  sing N N 5   
DA  OP2   HOP2   sing N N 6   
DA  "O5'" "C5'"  sing N N 7   
DA  "C5'" "C4'"  sing N N 8   
DA  "C5'" "H5'"  sing N N 9   
DA  "C5'" "H5''" sing N N 10  
DA  "C4'" "O4'"  sing N N 11  
DA  "C4'" "C3'"  sing N N 12  
DA  "C4'" "H4'"  sing N N 13  
DA  "O4'" "C1'"  sing N N 14  
DA  "C3'" "O3'"  sing N N 15  
DA  "C3'" "C2'"  sing N N 16  
DA  "C3'" "H3'"  sing N N 17  
DA  "O3'" "HO3'" sing N N 18  
DA  "C2'" "C1'"  sing N N 19  
DA  "C2'" "H2'"  sing N N 20  
DA  "C2'" "H2''" sing N N 21  
DA  "C1'" N9     sing N N 22  
DA  "C1'" "H1'"  sing N N 23  
DA  N9    C8     sing Y N 24  
DA  N9    C4     sing Y N 25  
DA  C8    N7     doub Y N 26  
DA  C8    H8     sing N N 27  
DA  N7    C5     sing Y N 28  
DA  C5    C6     sing Y N 29  
DA  C5    C4     doub Y N 30  
DA  C6    N6     sing N N 31  
DA  C6    N1     doub Y N 32  
DA  N6    H61    sing N N 33  
DA  N6    H62    sing N N 34  
DA  N1    C2     sing Y N 35  
DA  C2    N3     doub Y N 36  
DA  C2    H2     sing N N 37  
DA  N3    C4     sing Y N 38  
DC  OP3   P      sing N N 39  
DC  OP3   HOP3   sing N N 40  
DC  P     OP1    doub N N 41  
DC  P     OP2    sing N N 42  
DC  P     "O5'"  sing N N 43  
DC  OP2   HOP2   sing N N 44  
DC  "O5'" "C5'"  sing N N 45  
DC  "C5'" "C4'"  sing N N 46  
DC  "C5'" "H5'"  sing N N 47  
DC  "C5'" "H5''" sing N N 48  
DC  "C4'" "O4'"  sing N N 49  
DC  "C4'" "C3'"  sing N N 50  
DC  "C4'" "H4'"  sing N N 51  
DC  "O4'" "C1'"  sing N N 52  
DC  "C3'" "O3'"  sing N N 53  
DC  "C3'" "C2'"  sing N N 54  
DC  "C3'" "H3'"  sing N N 55  
DC  "O3'" "HO3'" sing N N 56  
DC  "C2'" "C1'"  sing N N 57  
DC  "C2'" "H2'"  sing N N 58  
DC  "C2'" "H2''" sing N N 59  
DC  "C1'" N1     sing N N 60  
DC  "C1'" "H1'"  sing N N 61  
DC  N1    C2     sing N N 62  
DC  N1    C6     sing N N 63  
DC  C2    O2     doub N N 64  
DC  C2    N3     sing N N 65  
DC  N3    C4     doub N N 66  
DC  C4    N4     sing N N 67  
DC  C4    C5     sing N N 68  
DC  N4    H41    sing N N 69  
DC  N4    H42    sing N N 70  
DC  C5    C6     doub N N 71  
DC  C5    H5     sing N N 72  
DC  C6    H6     sing N N 73  
DG  OP3   P      sing N N 74  
DG  OP3   HOP3   sing N N 75  
DG  P     OP1    doub N N 76  
DG  P     OP2    sing N N 77  
DG  P     "O5'"  sing N N 78  
DG  OP2   HOP2   sing N N 79  
DG  "O5'" "C5'"  sing N N 80  
DG  "C5'" "C4'"  sing N N 81  
DG  "C5'" "H5'"  sing N N 82  
DG  "C5'" "H5''" sing N N 83  
DG  "C4'" "O4'"  sing N N 84  
DG  "C4'" "C3'"  sing N N 85  
DG  "C4'" "H4'"  sing N N 86  
DG  "O4'" "C1'"  sing N N 87  
DG  "C3'" "O3'"  sing N N 88  
DG  "C3'" "C2'"  sing N N 89  
DG  "C3'" "H3'"  sing N N 90  
DG  "O3'" "HO3'" sing N N 91  
DG  "C2'" "C1'"  sing N N 92  
DG  "C2'" "H2'"  sing N N 93  
DG  "C2'" "H2''" sing N N 94  
DG  "C1'" N9     sing N N 95  
DG  "C1'" "H1'"  sing N N 96  
DG  N9    C8     sing Y N 97  
DG  N9    C4     sing Y N 98  
DG  C8    N7     doub Y N 99  
DG  C8    H8     sing N N 100 
DG  N7    C5     sing Y N 101 
DG  C5    C6     sing N N 102 
DG  C5    C4     doub Y N 103 
DG  C6    O6     doub N N 104 
DG  C6    N1     sing N N 105 
DG  N1    C2     sing N N 106 
DG  N1    H1     sing N N 107 
DG  C2    N2     sing N N 108 
DG  C2    N3     doub N N 109 
DG  N2    H21    sing N N 110 
DG  N2    H22    sing N N 111 
DG  N3    C4     sing N N 112 
DT  OP3   P      sing N N 113 
DT  OP3   HOP3   sing N N 114 
DT  P     OP1    doub N N 115 
DT  P     OP2    sing N N 116 
DT  P     "O5'"  sing N N 117 
DT  OP2   HOP2   sing N N 118 
DT  "O5'" "C5'"  sing N N 119 
DT  "C5'" "C4'"  sing N N 120 
DT  "C5'" "H5'"  sing N N 121 
DT  "C5'" "H5''" sing N N 122 
DT  "C4'" "O4'"  sing N N 123 
DT  "C4'" "C3'"  sing N N 124 
DT  "C4'" "H4'"  sing N N 125 
DT  "O4'" "C1'"  sing N N 126 
DT  "C3'" "O3'"  sing N N 127 
DT  "C3'" "C2'"  sing N N 128 
DT  "C3'" "H3'"  sing N N 129 
DT  "O3'" "HO3'" sing N N 130 
DT  "C2'" "C1'"  sing N N 131 
DT  "C2'" "H2'"  sing N N 132 
DT  "C2'" "H2''" sing N N 133 
DT  "C1'" N1     sing N N 134 
DT  "C1'" "H1'"  sing N N 135 
DT  N1    C2     sing N N 136 
DT  N1    C6     sing N N 137 
DT  C2    O2     doub N N 138 
DT  C2    N3     sing N N 139 
DT  N3    C4     sing N N 140 
DT  N3    H3     sing N N 141 
DT  C4    O4     doub N N 142 
DT  C4    C5     sing N N 143 
DT  C5    C7     sing N N 144 
DT  C5    C6     doub N N 145 
DT  C7    H71    sing N N 146 
DT  C7    H72    sing N N 147 
DT  C7    H73    sing N N 148 
DT  C6    H6     sing N N 149 
THX "C1'" "C2'"  sing N N 150 
THX "C1'" N1     sing N N 151 
THX "C1'" "O4'"  sing N N 152 
THX "C1'" "H1'"  sing N N 153 
THX C10   C11    sing N N 154 
THX C10   C9     sing N N 155 
THX C10   H101   sing N N 156 
THX C10   H102   sing N N 157 
THX C11   C12    sing N N 158 
THX C11   H111   sing N N 159 
THX C11   H112   sing N N 160 
THX C12   N4     sing N N 161 
THX C12   H121   sing N N 162 
THX C12   H122   sing N N 163 
THX C13   C14    sing N N 164 
THX C13   N4     sing N N 165 
THX C13   O6     doub N N 166 
THX C14   C15    doub Y N 167 
THX C14   N5     sing Y N 168 
THX C15   C16    sing Y N 169 
THX C15   H15    sing N N 170 
THX C16   C17    sing Y N 171 
THX C16   C21    doub Y N 172 
THX C17   C18    doub Y N 173 
THX C17   N5     sing Y N 174 
THX C18   C19    sing Y N 175 
THX C18   H18    sing N N 176 
THX C19   C20    doub Y N 177 
THX C19   H19    sing N N 178 
THX C2    N1     sing N N 179 
THX C2    N3     sing N N 180 
THX C2    O2     doub N N 181 
THX "C2'" "C3'"  sing N N 182 
THX "C2'" "H2'1" sing N N 183 
THX "C2'" "H2'2" sing N N 184 
THX C20   C21    sing Y N 185 
THX C20   N6     sing N N 186 
THX C21   C22    sing N N 187 
THX C22   C23    sing N N 188 
THX C22   H221   sing N N 189 
THX C22   H222   sing N N 190 
THX C23   N6     sing N N 191 
THX C23   H231   sing N N 192 
THX C23   H232   sing N N 193 
THX C24   C25    sing N N 194 
THX C24   N6     sing N N 195 
THX C24   O7     doub N N 196 
THX C25   C26    doub Y N 197 
THX C25   N7     sing Y N 198 
THX C26   C27    sing Y N 199 
THX C26   H26    sing N N 200 
THX C27   C28    sing Y N 201 
THX C27   C32    doub Y N 202 
THX C28   C29    doub Y N 203 
THX C28   N7     sing Y N 204 
THX C29   C30    sing Y N 205 
THX C29   H29    sing N N 206 
THX "C3'" "C4'"  sing N N 207 
THX "C3'" "O3'"  sing N N 208 
THX "C3'" "H3'"  sing N N 209 
THX C30   C31    doub Y N 210 
THX C30   H30    sing N N 211 
THX C31   C32    sing Y N 212 
THX C31   N8     sing N N 213 
THX C32   C33    sing N N 214 
THX C33   C34    sing N N 215 
THX C33   H331   sing N N 216 
THX C33   H332   sing N N 217 
THX C34   N8     sing N N 218 
THX C34   H341   sing N N 219 
THX C34   H342   sing N N 220 
THX C35   C36    sing N N 221 
THX C35   N8     sing N N 222 
THX C35   O8     doub N N 223 
THX C36   C37    doub Y N 224 
THX C36   N9     sing Y N 225 
THX C37   C38    sing Y N 226 
THX C37   H37    sing N N 227 
THX C38   C39    sing Y N 228 
THX C38   C43    doub Y N 229 
THX C39   C40    doub Y N 230 
THX C39   N9     sing Y N 231 
THX C4    C5     sing N N 232 
THX C4    N3     sing N N 233 
THX C4    O4     doub N N 234 
THX "C4'" "C5'"  sing N N 235 
THX "C4'" "O4'"  sing N N 236 
THX "C4'" "H4'"  sing N N 237 
THX C40   C41    sing Y N 238 
THX C40   H40    sing N N 239 
THX C41   C42    doub Y N 240 
THX C41   H41    sing N N 241 
THX C42   C43    sing Y N 242 
THX C42   N10    sing N N 243 
THX C43   C44    sing N N 244 
THX C44   C45    sing N N 245 
THX C44   H441   sing N N 246 
THX C44   H442   sing N N 247 
THX C45   N10    sing N N 248 
THX C45   H451   sing N N 249 
THX C45   H452   sing N N 250 
THX C46   N10    sing N N 251 
THX C46   N15    sing N N 252 
THX C46   O9     doub N N 253 
THX C5    C5M    sing N N 254 
THX C5    C6     doub N N 255 
THX "C5'" "O5'"  sing N N 256 
THX "C5'" "H5'1" sing N N 257 
THX "C5'" "H5'2" sing N N 258 
THX C5M   H5M1   sing N N 259 
THX C5M   H5M2   sing N N 260 
THX C5M   H5M3   sing N N 261 
THX C6    N1     sing N N 262 
THX C6    H6     sing N N 263 
THX C7    C8     sing N N 264 
THX C7    O3P    sing N N 265 
THX C7    H71    sing N N 266 
THX C7    H72    sing N N 267 
THX C8    C9     sing N N 268 
THX C8    H81    sing N N 269 
THX C8    H82    sing N N 270 
THX C9    H91    sing N N 271 
THX C9    H92    sing N N 272 
THX N15   H151   sing N N 273 
THX N15   H152   sing N N 274 
THX N3    H3     sing N N 275 
THX N4    HN4    sing N N 276 
THX N5    HN5    sing N N 277 
THX N7    HN7    sing N N 278 
THX N9    HN9    sing N N 279 
THX O1P   P      doub N N 280 
THX O2P   P      sing N N 281 
THX O2P   HOP2   sing N N 282 
THX "O3'" "HO'3" sing N N 283 
THX O3P   P      sing N N 284 
THX "O5'" P      sing N N 285 
# 
loop_
_ndb_struct_conf_na.entry_id 
_ndb_struct_conf_na.feature 
1AUL 'double helix'        
1AUL 'b-form double helix' 
# 
loop_
_ndb_struct_na_base_pair.model_number 
_ndb_struct_na_base_pair.i_label_asym_id 
_ndb_struct_na_base_pair.i_label_comp_id 
_ndb_struct_na_base_pair.i_label_seq_id 
_ndb_struct_na_base_pair.i_symmetry 
_ndb_struct_na_base_pair.j_label_asym_id 
_ndb_struct_na_base_pair.j_label_comp_id 
_ndb_struct_na_base_pair.j_label_seq_id 
_ndb_struct_na_base_pair.j_symmetry 
_ndb_struct_na_base_pair.shear 
_ndb_struct_na_base_pair.stretch 
_ndb_struct_na_base_pair.stagger 
_ndb_struct_na_base_pair.buckle 
_ndb_struct_na_base_pair.propeller 
_ndb_struct_na_base_pair.opening 
_ndb_struct_na_base_pair.pair_number 
_ndb_struct_na_base_pair.pair_name 
_ndb_struct_na_base_pair.i_auth_asym_id 
_ndb_struct_na_base_pair.i_auth_seq_id 
_ndb_struct_na_base_pair.i_PDB_ins_code 
_ndb_struct_na_base_pair.j_auth_asym_id 
_ndb_struct_na_base_pair.j_auth_seq_id 
_ndb_struct_na_base_pair.j_PDB_ins_code 
_ndb_struct_na_base_pair.hbond_type_28 
_ndb_struct_na_base_pair.hbond_type_12 
1 A DG 2  1_555 B DC 9 1_555 0.840  0.149  0.941  0.709   7.219   26.294 1 A_DG2:DC19_B  A 2  ? B 19 ? ?  1 
1 A DA 3  1_555 B DT 8 1_555 -1.088 -0.539 0.744  3.244   -20.653 14.693 2 A_DA3:DT18_B  A 3  ? B 18 ? 20 1 
1 A DT 4  1_555 B DA 7 1_555 0.144  -0.460 1.258  -24.666 -11.516 14.899 3 A_DT4:DA17_B  A 4  ? B 17 ? 20 1 
1 A DT 5  1_555 B DA 6 1_555 -0.283 -0.212 0.534  -9.415  -1.416  4.457  4 A_DT5:DA16_B  A 5  ? B 16 ? 20 1 
1 A DA 6  1_555 B DT 5 1_555 0.467  -0.077 -0.465 -1.083  -6.569  -6.322 5 A_DA6:DT15_B  A 6  ? B 15 ? 20 1 
1 A DT 7  1_555 B DA 4 1_555 -0.175 -0.122 -0.590 16.877  -14.113 1.194  6 A_DT7:DA14_B  A 7  ? B 14 ? 20 1 
1 A DC 8  1_555 B DG 3 1_555 0.684  -0.242 -0.424 7.590   -8.338  3.882  7 A_DC8:DG13_B  A 8  ? B 13 ? 19 1 
1 A DT 9  1_555 B DA 2 1_555 0.400  -0.259 0.176  9.588   -7.991  -5.710 8 A_DT9:DA12_B  A 9  ? B 12 ? 20 1 
1 A DG 10 1_555 B DC 1 1_555 -0.616 -0.342 0.206  6.923   1.045   -3.536 9 A_DG10:DC11_B A 10 ? B 11 ? 19 1 
# 
loop_
_ndb_struct_na_base_pair_step.model_number 
_ndb_struct_na_base_pair_step.i_label_asym_id_1 
_ndb_struct_na_base_pair_step.i_label_comp_id_1 
_ndb_struct_na_base_pair_step.i_label_seq_id_1 
_ndb_struct_na_base_pair_step.i_symmetry_1 
_ndb_struct_na_base_pair_step.j_label_asym_id_1 
_ndb_struct_na_base_pair_step.j_label_comp_id_1 
_ndb_struct_na_base_pair_step.j_label_seq_id_1 
_ndb_struct_na_base_pair_step.j_symmetry_1 
_ndb_struct_na_base_pair_step.i_label_asym_id_2 
_ndb_struct_na_base_pair_step.i_label_comp_id_2 
_ndb_struct_na_base_pair_step.i_label_seq_id_2 
_ndb_struct_na_base_pair_step.i_symmetry_2 
_ndb_struct_na_base_pair_step.j_label_asym_id_2 
_ndb_struct_na_base_pair_step.j_label_comp_id_2 
_ndb_struct_na_base_pair_step.j_label_seq_id_2 
_ndb_struct_na_base_pair_step.j_symmetry_2 
_ndb_struct_na_base_pair_step.shift 
_ndb_struct_na_base_pair_step.slide 
_ndb_struct_na_base_pair_step.rise 
_ndb_struct_na_base_pair_step.tilt 
_ndb_struct_na_base_pair_step.roll 
_ndb_struct_na_base_pair_step.twist 
_ndb_struct_na_base_pair_step.x_displacement 
_ndb_struct_na_base_pair_step.y_displacement 
_ndb_struct_na_base_pair_step.helical_rise 
_ndb_struct_na_base_pair_step.inclination 
_ndb_struct_na_base_pair_step.tip 
_ndb_struct_na_base_pair_step.helical_twist 
_ndb_struct_na_base_pair_step.step_number 
_ndb_struct_na_base_pair_step.step_name 
_ndb_struct_na_base_pair_step.i_auth_asym_id_1 
_ndb_struct_na_base_pair_step.i_auth_seq_id_1 
_ndb_struct_na_base_pair_step.i_PDB_ins_code_1 
_ndb_struct_na_base_pair_step.j_auth_asym_id_1 
_ndb_struct_na_base_pair_step.j_auth_seq_id_1 
_ndb_struct_na_base_pair_step.j_PDB_ins_code_1 
_ndb_struct_na_base_pair_step.i_auth_asym_id_2 
_ndb_struct_na_base_pair_step.i_auth_seq_id_2 
_ndb_struct_na_base_pair_step.i_PDB_ins_code_2 
_ndb_struct_na_base_pair_step.j_auth_asym_id_2 
_ndb_struct_na_base_pair_step.j_auth_seq_id_2 
_ndb_struct_na_base_pair_step.j_PDB_ins_code_2 
1 A DG 2 1_555 B DC 9 1_555 A DA 3  1_555 B DT 8 1_555 0.023  -0.895 3.171 9.932   7.125  26.185 -3.287 2.032  2.674 14.748 
-20.557 28.852 1 AA_DG2DA3:DT18DC19_BB  A 2 ? B 19 ? A 3  ? B 18 ? 
1 A DA 3 1_555 B DT 8 1_555 A DT 4  1_555 B DA 7 1_555 0.458  -0.197 4.347 -0.655  9.642  41.736 -1.545 -0.715 4.196 13.320 0.905 
42.791 2 AA_DA3DT4:DA17DT18_BB  A 3 ? B 18 ? A 4  ? B 17 ? 
1 A DT 4 1_555 B DA 7 1_555 A DT 5  1_555 B DA 6 1_555 -0.064 -0.560 3.031 3.245   3.791  29.174 -1.830 0.755  2.913 7.458  -6.383 
29.589 3 AA_DT4DT5:DA16DA17_BB  A 4 ? B 17 ? A 5  ? B 16 ? 
1 A DT 5 1_555 B DA 6 1_555 A DA 6  1_555 B DT 5 1_555 -0.531 -1.104 2.762 10.725  6.010  33.881 -2.467 2.074  2.273 9.916  
-17.696 35.981 4 AA_DT5DA6:DT15DA16_BB  A 5 ? B 16 ? A 6  ? B 15 ? 
1 A DA 6 1_555 B DT 5 1_555 A DT 7  1_555 B DA 4 1_555 0.506  -0.384 2.782 -0.186  6.151  34.183 -1.435 -0.871 2.672 10.360 0.313 
34.716 5 AA_DA6DT7:DA14DT15_BB  A 6 ? B 15 ? A 7  ? B 14 ? 
1 A DT 7 1_555 B DA 4 1_555 A DC 8  1_555 B DG 3 1_555 -0.478 -0.453 3.388 0.019   11.535 37.015 -2.124 0.723  3.115 17.651 -0.029 
38.710 6 AA_DT7DC8:DG13DA14_BB  A 7 ? B 14 ? A 8  ? B 13 ? 
1 A DC 8 1_555 B DG 3 1_555 A DT 9  1_555 B DA 2 1_555 -0.102 -0.869 3.505 -4.169  -5.778 36.846 -0.524 -0.439 3.586 -9.038 6.521 
37.505 7 AA_DC8DT9:DA12DG13_BB  A 8 ? B 13 ? A 9  ? B 12 ? 
1 A DT 9 1_555 B DA 2 1_555 A DG 10 1_555 B DC 1 1_555 -0.705 -1.955 2.927 -10.600 2.490  28.346 -4.194 -0.595 2.824 4.864  20.704 
30.325 8 AA_DT9DG10:DC11DA12_BB A 9 ? B 12 ? A 10 ? B 11 ? 
# 
_pdbx_nmr_spectrometer.spectrometer_id   1 
_pdbx_nmr_spectrometer.model             UNITYPLUS 
_pdbx_nmr_spectrometer.manufacturer      Varian 
_pdbx_nmr_spectrometer.field_strength    600 
# 
_atom_sites.entry_id                    1AUL 
_atom_sites.fract_transf_matrix[1][1]   1.000000 
_atom_sites.fract_transf_matrix[1][2]   0.000000 
_atom_sites.fract_transf_matrix[1][3]   0.000000 
_atom_sites.fract_transf_matrix[2][1]   0.000000 
_atom_sites.fract_transf_matrix[2][2]   1.000000 
_atom_sites.fract_transf_matrix[2][3]   0.000000 
_atom_sites.fract_transf_matrix[3][1]   0.000000 
_atom_sites.fract_transf_matrix[3][2]   0.000000 
_atom_sites.fract_transf_matrix[3][3]   1.000000 
_atom_sites.fract_transf_vector[1]      0.00000 
_atom_sites.fract_transf_vector[2]      0.00000 
_atom_sites.fract_transf_vector[3]      0.00000 
# 
loop_
_atom_type.symbol 
C 
H 
N 
O 
P 
# 
loop_
_atom_site.group_PDB 
_atom_site.id 
_atom_site.type_symbol 
_atom_site.label_atom_id 
_atom_site.label_alt_id 
_atom_site.label_comp_id 
_atom_site.label_asym_id 
_atom_site.label_entity_id 
_atom_site.label_seq_id 
_atom_site.pdbx_PDB_ins_code 
_atom_site.Cartn_x 
_atom_site.Cartn_y 
_atom_site.Cartn_z 
_atom_site.occupancy 
_atom_site.B_iso_or_equiv 
_atom_site.pdbx_formal_charge 
_atom_site.auth_seq_id 
_atom_site.auth_comp_id 
_atom_site.auth_asym_id 
_atom_site.auth_atom_id 
_atom_site.pdbx_PDB_model_num 
HETATM 1   C "C1'"  . THX A 1 1  ? -11.687 1.775   5.646   1.00 0.35 ? 1  THX A "C1'"  1 
HETATM 2   C C10    . THX A 1 1  ? -17.545 2.684   3.114   1.00 0.42 ? 1  THX A C10    1 
HETATM 3   C C11    . THX A 1 1  ? -16.495 3.821   3.183   1.00 0.35 ? 1  THX A C11    1 
HETATM 4   C C12    . THX A 1 1  ? -15.353 3.559   2.156   1.00 0.32 ? 1  THX A C12    1 
HETATM 5   C C13    . THX A 1 1  ? -14.240 5.518   2.876   1.00 0.25 ? 1  THX A C13    1 
HETATM 6   C C14    . THX A 1 1  ? -13.008 6.237   3.330   1.00 0.21 ? 1  THX A C14    1 
HETATM 7   C C15    . THX A 1 1  ? -11.545 5.702   3.504   1.00 0.21 ? 1  THX A C15    1 
HETATM 8   C C16    . THX A 1 1  ? -10.972 6.918   3.927   1.00 0.20 ? 1  THX A C16    1 
HETATM 9   C C17    . THX A 1 1  ? -11.764 7.938   4.037   1.00 0.21 ? 1  THX A C17    1 
HETATM 10  C C18    . THX A 1 1  ? -11.357 9.301   4.456   1.00 0.23 ? 1  THX A C18    1 
HETATM 11  C C19    . THX A 1 1  ? -9.987  9.422   4.788   1.00 0.25 ? 1  THX A C19    1 
HETATM 12  C C2     . THX A 1 1  ? -10.699 2.804   7.740   1.00 0.32 ? 1  THX A C2     1 
HETATM 13  C "C2'"  . THX A 1 1  ? -12.338 0.422   5.153   1.00 0.45 ? 1  THX A "C2'"  1 
HETATM 14  C C20    . THX A 1 1  ? -9.160  8.159   4.609   1.00 0.23 ? 1  THX A C20    1 
HETATM 15  C C21    . THX A 1 1  ? -9.710  6.985   4.260   1.00 0.20 ? 1  THX A C21    1 
HETATM 16  C C22    . THX A 1 1  ? -9.020  5.793   4.554   1.00 0.19 ? 1  THX A C22    1 
HETATM 17  C C23    . THX A 1 1  ? -7.617  6.366   5.001   1.00 0.23 ? 1  THX A C23    1 
HETATM 18  C C24    . THX A 1 1  ? -6.933  8.765   5.288   1.00 0.28 ? 1  THX A C24    1 
HETATM 19  C C25    . THX A 1 1  ? -5.494  8.468   5.514   1.00 0.29 ? 1  THX A C25    1 
HETATM 20  C C26    . THX A 1 1  ? -4.709  7.122   5.358   1.00 0.28 ? 1  THX A C26    1 
HETATM 21  C C27    . THX A 1 1  ? -3.404  7.657   5.764   1.00 0.30 ? 1  THX A C27    1 
HETATM 22  C C28    . THX A 1 1  ? -3.395  8.932   6.088   1.00 0.33 ? 1  THX A C28    1 
HETATM 23  C C29    . THX A 1 1  ? -2.217  9.723   6.538   1.00 0.38 ? 1  THX A C29    1 
HETATM 24  C "C3'"  . THX A 1 1  ? -13.671 0.910   4.647   1.00 0.46 ? 1  THX A "C3'"  1 
HETATM 25  C C30    . THX A 1 1  ? -0.993  8.975   6.622   1.00 0.39 ? 1  THX A C30    1 
HETATM 26  C C31    . THX A 1 1  ? -1.099  7.507   6.231   1.00 0.36 ? 1  THX A C31    1 
HETATM 27  C C32    . THX A 1 1  ? -2.266  6.917   5.852   1.00 0.33 ? 1  THX A C32    1 
HETATM 28  C C33    . THX A 1 1  ? -2.254  5.500   5.603   1.00 0.34 ? 1  THX A C33    1 
HETATM 29  C C34    . THX A 1 1  ? -0.729  5.305   5.348   1.00 0.26 ? 1  THX A C34    1 
HETATM 30  C C35    . THX A 1 1  ? 1.171   6.651   6.483   1.00 0.38 ? 1  THX A C35    1 
HETATM 31  C C36    . THX A 1 1  ? 2.218   5.562   6.449   1.00 0.39 ? 1  THX A C36    1 
HETATM 32  C C37    . THX A 1 1  ? 2.098   4.071   6.043   1.00 0.37 ? 1  THX A C37    1 
HETATM 33  C C38    . THX A 1 1  ? 3.480   3.717   6.269   1.00 0.38 ? 1  THX A C38    1 
HETATM 34  C C39    . THX A 1 1  ? 4.264   4.670   6.660   1.00 0.41 ? 1  THX A C39    1 
HETATM 35  C C4     . THX A 1 1  ? -9.143  1.633   9.211   1.00 0.33 ? 1  THX A C4     1 
HETATM 36  C "C4'"  . THX A 1 1  ? -13.928 2.276   5.232   1.00 0.43 ? 1  THX A "C4'"  1 
HETATM 37  C C40    . THX A 1 1  ? 5.723   4.537   6.950   1.00 0.44 ? 1  THX A C40    1 
HETATM 38  C C41    . THX A 1 1  ? 6.256   3.211   6.726   1.00 0.41 ? 1  THX A C41    1 
HETATM 39  C C42    . THX A 1 1  ? 5.238   2.181   6.274   1.00 0.37 ? 1  THX A C42    1 
HETATM 40  C C43    . THX A 1 1  ? 3.942   2.501   6.015   1.00 0.37 ? 1  THX A C43    1 
HETATM 41  C C44    . THX A 1 1  ? 3.179   1.630   5.206   1.00 0.35 ? 1  THX A C44    1 
HETATM 42  C C45    . THX A 1 1  ? 4.049   0.366   5.238   1.00 0.32 ? 1  THX A C45    1 
HETATM 43  C C46    . THX A 1 1  ? 6.429   0.064   5.971   1.00 0.34 ? 1  THX A C46    1 
HETATM 44  C C5     . THX A 1 1  ? -9.183  0.522   8.307   1.00 0.34 ? 1  THX A C5     1 
HETATM 45  C "C5'"  . THX A 1 1  ? -15.204 2.261   6.074   1.00 0.53 ? 1  THX A "C5'"  1 
HETATM 46  C C5M    . THX A 1 1  ? -8.360  -0.667  8.700   1.00 0.37 ? 1  THX A C5M    1 
HETATM 47  C C6     . THX A 1 1  ? -9.932  0.539   7.198   1.00 0.35 ? 1  THX A C6     1 
HETATM 48  C C7     . THX A 1 1  ? -18.792 0.914   5.143   1.00 1.75 ? 1  THX A C7     1 
HETATM 49  C C8     . THX A 1 1  ? -18.898 2.455   5.268   1.00 1.62 ? 1  THX A C8     1 
HETATM 50  C C9     . THX A 1 1  ? -18.842 3.113   3.862   1.00 1.09 ? 1  THX A C9     1 
HETATM 51  N N1     . THX A 1 1  ? -10.734 1.688   6.869   1.00 0.33 ? 1  THX A N1     1 
HETATM 52  N N10    . THX A 1 1  ? 5.266   0.878   5.914   1.00 0.34 ? 1  THX A N10    1 
HETATM 53  N N15    . THX A 1 1  ? 6.285   -1.262  5.609   1.00 0.32 ? 1  THX A N15    1 
HETATM 54  N N3     . THX A 1 1  ? -9.913  2.703   8.848   1.00 0.32 ? 1  THX A N3     1 
HETATM 55  N N4     . THX A 1 1  ? -14.079 4.166   2.591   1.00 0.27 ? 1  THX A N4     1 
HETATM 56  N N5     . THX A 1 1  ? -13.076 7.655   3.673   1.00 0.20 ? 1  THX A N5     1 
HETATM 57  N N6     . THX A 1 1  ? -7.878  7.812   4.845   1.00 0.24 ? 1  THX A N6     1 
HETATM 58  N N7     . THX A 1 1  ? -4.627  9.542   5.973   1.00 0.33 ? 1  THX A N7     1 
HETATM 59  N N8     . THX A 1 1  ? -0.221  6.484   6.118   1.00 0.33 ? 1  THX A N8     1 
HETATM 60  N N9     . THX A 1 1  ? 3.600   5.885   6.830   1.00 0.43 ? 1  THX A N9     1 
HETATM 61  O O1P    . THX A 1 1  ? -16.666 -1.206  7.197   1.00 0.94 ? 1  THX A O1P    1 
HETATM 62  O O2     . THX A 1 1  ? -11.319 3.833   7.506   1.00 0.32 ? 1  THX A O2     1 
HETATM 63  O O2P    . THX A 1 1  ? -17.693 0.978   7.902   1.00 1.32 ? 1  THX A O2P    1 
HETATM 64  O "O3'"  . THX A 1 1  ? -13.635 1.014   3.210   1.00 0.43 ? 1  THX A "O3'"  1 
HETATM 65  O O3P    . THX A 1 1  ? -17.400 0.498   5.323   1.00 1.71 ? 1  THX A O3P    1 
HETATM 66  O O4     . THX A 1 1  ? -8.487  1.662   10.234  1.00 0.34 ? 1  THX A O4     1 
HETATM 67  O "O4'"  . THX A 1 1  ? -12.802 2.576   6.081   1.00 0.37 ? 1  THX A "O4'"  1 
HETATM 68  O "O5'"  . THX A 1 1  ? -15.289 1.009   6.828   1.00 0.75 ? 1  THX A "O5'"  1 
HETATM 69  O O6     . THX A 1 1  ? -15.336 6.077   2.778   1.00 0.25 ? 1  THX A O6     1 
HETATM 70  O O7     . THX A 1 1  ? -7.345  9.911   5.483   1.00 0.30 ? 1  THX A O7     1 
HETATM 71  O O8     . THX A 1 1  ? 1.510   7.778   6.855   1.00 0.42 ? 1  THX A O8     1 
HETATM 72  O O9     . THX A 1 1  ? 7.515   0.518   6.323   1.00 0.36 ? 1  THX A O9     1 
HETATM 73  P P      . THX A 1 1  ? -16.836 0.243   6.942   1.00 0.79 ? 1  THX A P      1 
HETATM 74  H "H1'"  . THX A 1 1  ? -11.149 2.326   4.814   1.00 0.29 ? 1  THX A "H1'"  1 
HETATM 75  H H101   . THX A 1 1  ? -17.137 1.782   3.569   1.00 0.70 ? 1  THX A H101   1 
HETATM 76  H H102   . THX A 1 1  ? -17.780 2.468   2.071   1.00 1.01 ? 1  THX A H102   1 
HETATM 77  H H111   . THX A 1 1  ? -16.078 3.874   4.186   1.00 0.51 ? 1  THX A H111   1 
HETATM 78  H H112   . THX A 1 1  ? -16.973 4.774   2.959   1.00 0.43 ? 1  THX A H112   1 
HETATM 79  H H121   . THX A 1 1  ? -15.214 2.485   2.041   1.00 0.33 ? 1  THX A H121   1 
HETATM 80  H H122   . THX A 1 1  ? -15.637 3.973   1.187   1.00 0.35 ? 1  THX A H122   1 
HETATM 81  H H15    . THX A 1 1  ? -11.051 4.717   3.369   1.00 0.23 ? 1  THX A H15    1 
HETATM 82  H H18    . THX A 1 1  ? -11.979 10.188  4.487   1.00 0.23 ? 1  THX A H18    1 
HETATM 83  H H19    . THX A 1 1  ? -9.628  10.387  5.139   1.00 0.27 ? 1  THX A H19    1 
HETATM 84  H "H2'1" . THX A 1 1  ? -12.497 -0.296  5.971   1.00 0.51 ? 1  THX A "H2'1" 1 
HETATM 85  H "H2'2" . THX A 1 1  ? -11.769 -0.057  4.334   1.00 0.46 ? 1  THX A "H2'2" 1 
HETATM 86  H H221   . THX A 1 1  ? -9.490  5.258   5.363   1.00 0.16 ? 1  THX A H221   1 
HETATM 87  H H222   . THX A 1 1  ? -8.956  5.154   3.676   1.00 0.26 ? 1  THX A H222   1 
HETATM 88  H H231   . THX A 1 1  ? -7.428  6.146   6.142   1.00 0.21 ? 1  THX A H231   1 
HETATM 89  H H232   . THX A 1 1  ? -6.754  6.040   4.260   1.00 0.30 ? 1  THX A H232   1 
HETATM 90  H H26    . THX A 1 1  ? -5.012  6.096   5.010   1.00 0.24 ? 1  THX A H26    1 
HETATM 91  H H29    . THX A 1 1  ? -2.203  10.810  6.749   1.00 0.43 ? 1  THX A H29    1 
HETATM 92  H "H3'"  . THX A 1 1  ? -14.458 0.223   4.957   1.00 0.55 ? 1  THX A "H3'"  1 
HETATM 93  H H30    . THX A 1 1  ? -0.088  9.472   7.024   1.00 0.41 ? 1  THX A H30    1 
HETATM 94  H H331   . THX A 1 1  ? -2.568  4.917   6.484   1.00 0.51 ? 1  THX A H331   1 
HETATM 95  H H332   . THX A 1 1  ? -2.850  5.242   4.742   1.00 0.42 ? 1  THX A H332   1 
HETATM 96  H H341   . THX A 1 1  ? -0.370  4.399   5.774   1.00 0.53 ? 1  THX A H341   1 
HETATM 97  H H342   . THX A 1 1  ? -0.485  5.417   4.271   1.00 0.46 ? 1  THX A H342   1 
HETATM 98  H H37    . THX A 1 1  ? 1.255   3.435   5.720   1.00 0.35 ? 1  THX A H37    1 
HETATM 99  H "H4'"  . THX A 1 1  ? -14.006 3.007   4.439   1.00 0.40 ? 1  THX A "H4'"  1 
HETATM 100 H H40    . THX A 1 1  ? 6.384   5.324   7.333   1.00 0.49 ? 1  THX A H40    1 
HETATM 101 H H41    . THX A 1 1  ? 7.329   3.039   6.869   1.00 0.42 ? 1  THX A H41    1 
HETATM 102 H H441   . THX A 1 1  ? 2.174   1.451   5.661   1.00 0.31 ? 1  THX A H441   1 
HETATM 103 H H442   . THX A 1 1  ? 3.109   2.004   4.175   1.00 0.40 ? 1  THX A H442   1 
HETATM 104 H H451   . THX A 1 1  ? 3.583   -0.414  5.847   1.00 0.26 ? 1  THX A H451   1 
HETATM 105 H H452   . THX A 1 1  ? 4.302   0.039   4.227   1.00 0.37 ? 1  THX A H452   1 
HETATM 106 H "H5'1" . THX A 1 1  ? -15.209 3.096   6.777   1.00 0.69 ? 1  THX A "H5'1" 1 
HETATM 107 H "H5'2" . THX A 1 1  ? -16.081 2.350   5.440   1.00 0.42 ? 1  THX A "H5'2" 1 
HETATM 108 H H5M1   . THX A 1 1  ? -7.532  -0.347  9.331   1.00 0.76 ? 1  THX A H5M1   1 
HETATM 109 H H5M2   . THX A 1 1  ? -8.981  -1.373  9.247   1.00 0.94 ? 1  THX A H5M2   1 
HETATM 110 H H5M3   . THX A 1 1  ? -7.971  -1.147  7.802   1.00 0.88 ? 1  THX A H5M3   1 
HETATM 111 H H6     . THX A 1 1  ? -9.855  -0.324  6.545   1.00 0.38 ? 1  THX A H6     1 
HETATM 112 H H71    . THX A 1 1  ? -19.140 0.597   4.159   1.00 1.82 ? 1  THX A H71    1 
HETATM 113 H H72    . THX A 1 1  ? -19.416 0.437   5.900   1.00 1.98 ? 1  THX A H72    1 
HETATM 114 H H81    . THX A 1 1  ? -19.838 2.718   5.756   1.00 2.18 ? 1  THX A H81    1 
HETATM 115 H H82    . THX A 1 1  ? -18.078 2.831   5.880   1.00 1.60 ? 1  THX A H82    1 
HETATM 116 H H91    . THX A 1 1  ? -18.863 4.198   3.966   1.00 1.12 ? 1  THX A H91    1 
HETATM 117 H H92    . THX A 1 1  ? -19.715 2.808   3.282   1.00 1.59 ? 1  THX A H92    1 
HETATM 118 H H151   . THX A 1 1  ? 5.968   -1.918  6.334   1.00 0.96 ? 1  THX A H151   1 
HETATM 119 H H152   . THX A 1 1  ? 6.094   -1.461  4.615   1.00 0.79 ? 1  THX A H152   1 
HETATM 120 H H3     . THX A 1 1  ? -9.895  3.522   9.473   1.00 0.34 ? 1  THX A H3     1 
HETATM 121 H HN4    . THX A 1 1  ? -13.133 3.841   2.335   1.00 0.45 ? 1  THX A HN4    1 
HETATM 122 H HN5    . THX A 1 1  ? -13.893 8.284   3.656   1.00 0.20 ? 1  THX A HN5    1 
HETATM 123 H HN7    . THX A 1 1  ? -4.875  10.529  6.171   1.00 0.36 ? 1  THX A HN7    1 
HETATM 124 H HN9    . THX A 1 1  ? 3.988   6.790   7.142   1.00 0.46 ? 1  THX A HN9    1 
ATOM   125 P P      . DG  A 1 2  ? -14.028 -0.370  2.243   1.00 0.56 ? 2  DG  A P      1 
ATOM   126 O OP1    . DG  A 1 2  ? -15.496 -0.522  2.157   1.00 0.63 ? 2  DG  A OP1    1 
ATOM   127 O OP2    . DG  A 1 2  ? -13.281 -1.552  2.736   1.00 0.67 ? 2  DG  A OP2    1 
ATOM   128 O "O5'"  . DG  A 1 2  ? -13.388 0.130   0.701   1.00 0.50 ? 2  DG  A "O5'"  1 
ATOM   129 C "C5'"  . DG  A 1 2  ? -13.992 1.295   0.038   1.00 0.41 ? 2  DG  A "C5'"  1 
ATOM   130 C "C4'"  . DG  A 1 2  ? -13.147 2.545   0.337   1.00 0.33 ? 2  DG  A "C4'"  1 
ATOM   131 O "O4'"  . DG  A 1 2  ? -12.438 2.324   1.591   1.00 0.26 ? 2  DG  A "O4'"  1 
ATOM   132 C "C3'"  . DG  A 1 2  ? -12.091 2.748   -0.729  1.00 0.31 ? 2  DG  A "C3'"  1 
ATOM   133 O "O3'"  . DG  A 1 2  ? -11.997 4.148   -1.032  1.00 0.32 ? 2  DG  A "O3'"  1 
ATOM   134 C "C2'"  . DG  A 1 2  ? -10.806 2.266   -0.173  1.00 0.27 ? 2  DG  A "C2'"  1 
ATOM   135 C "C1'"  . DG  A 1 2  ? -11.027 2.474   1.361   1.00 0.24 ? 2  DG  A "C1'"  1 
ATOM   136 N N9     . DG  A 1 2  ? -10.378 1.370   2.036   1.00 0.22 ? 2  DG  A N9     1 
ATOM   137 C C8     . DG  A 1 2  ? -10.436 0.058   1.731   1.00 0.24 ? 2  DG  A C8     1 
ATOM   138 N N7     . DG  A 1 2  ? -9.699  -0.684  2.501   1.00 0.23 ? 2  DG  A N7     1 
ATOM   139 C C5     . DG  A 1 2  ? -9.101  0.240   3.356   1.00 0.20 ? 2  DG  A C5     1 
ATOM   140 C C6     . DG  A 1 2  ? -8.111  0.064   4.422   1.00 0.18 ? 2  DG  A C6     1 
ATOM   141 O O6     . DG  A 1 2  ? -7.656  -1.007  4.792   1.00 0.18 ? 2  DG  A O6     1 
ATOM   142 N N1     . DG  A 1 2  ? -7.731  1.232   4.982   1.00 0.16 ? 2  DG  A N1     1 
ATOM   143 C C2     . DG  A 1 2  ? -8.199  2.446   4.603   1.00 0.16 ? 2  DG  A C2     1 
ATOM   144 N N2     . DG  A 1 2  ? -7.646  3.462   5.170   1.00 0.16 ? 2  DG  A N2     1 
ATOM   145 N N3     . DG  A 1 2  ? -9.112  2.646   3.649   1.00 0.18 ? 2  DG  A N3     1 
ATOM   146 C C4     . DG  A 1 2  ? -9.517  1.504   3.076   1.00 0.20 ? 2  DG  A C4     1 
ATOM   147 H "H5'"  . DG  A 1 2  ? -15.010 1.422   0.403   1.00 0.40 ? 2  DG  A "H5'"  1 
ATOM   148 H "H5''" . DG  A 1 2  ? -14.041 1.103   -1.035  1.00 0.47 ? 2  DG  A "H5''" 1 
ATOM   149 H "H4'"  . DG  A 1 2  ? -13.776 3.428   0.402   1.00 0.35 ? 2  DG  A "H4'"  1 
ATOM   150 H "H3'"  . DG  A 1 2  ? -12.343 2.177   -1.618  1.00 0.34 ? 2  DG  A "H3'"  1 
ATOM   151 H "H2'"  . DG  A 1 2  ? -10.667 1.232   -0.391  1.00 0.28 ? 2  DG  A "H2'"  1 
ATOM   152 H "H2''" . DG  A 1 2  ? -9.967  2.786   -0.576  1.00 0.27 ? 2  DG  A "H2''" 1 
ATOM   153 H "H1'"  . DG  A 1 2  ? -10.663 3.471   1.802   1.00 0.21 ? 2  DG  A "H1'"  1 
ATOM   154 H H8     . DG  A 1 2  ? -10.987 -0.314  0.863   1.00 0.27 ? 2  DG  A H8     1 
ATOM   155 H H1     . DG  A 1 2  ? -7.047  1.194   5.735   1.00 0.14 ? 2  DG  A H1     1 
ATOM   156 H H21    . DG  A 1 2  ? -7.010  3.322   5.968   1.00 0.15 ? 2  DG  A H21    1 
ATOM   157 H H22    . DG  A 1 2  ? -7.849  4.398   4.841   1.00 0.18 ? 2  DG  A H22    1 
ATOM   158 P P      . DA  A 1 3  ? -10.878 4.684   -2.237  1.00 0.34 ? 3  DA  A P      1 
ATOM   159 O OP1    . DA  A 1 3  ? -11.457 5.808   -3.007  1.00 0.35 ? 3  DA  A OP1    1 
ATOM   160 O OP2    . DA  A 1 3  ? -10.394 3.528   -3.031  1.00 0.38 ? 3  DA  A OP2    1 
ATOM   161 O "O5'"  . DA  A 1 3  ? -9.619  5.256   -1.205  1.00 0.31 ? 3  DA  A "O5'"  1 
ATOM   162 C "C5'"  . DA  A 1 3  ? -9.810  6.563   -0.582  1.00 0.29 ? 3  DA  A "C5'"  1 
ATOM   163 C "C4'"  . DA  A 1 3  ? -8.693  6.832   0.432   1.00 0.27 ? 3  DA  A "C4'"  1 
ATOM   164 O "O4'"  . DA  A 1 3  ? -8.379  5.618   1.168   1.00 0.25 ? 3  DA  A "O4'"  1 
ATOM   165 C "C3'"  . DA  A 1 3  ? -7.417  7.221   -0.283  1.00 0.31 ? 3  DA  A "C3'"  1 
ATOM   166 O "O3'"  . DA  A 1 3  ? -7.016  8.530   0.156   1.00 0.32 ? 3  DA  A "O3'"  1 
ATOM   167 C "C2'"  . DA  A 1 3  ? -6.350  6.214   0.094   1.00 0.31 ? 3  DA  A "C2'"  1 
ATOM   168 C "C1'"  . DA  A 1 3  ? -6.948  5.589   1.333   1.00 0.26 ? 3  DA  A "C1'"  1 
ATOM   169 N N9     . DA  A 1 3  ? -6.537  4.203   1.485   1.00 0.25 ? 3  DA  A N9     1 
ATOM   170 C C8     . DA  A 1 3  ? -6.665  3.115   0.673   1.00 0.26 ? 3  DA  A C8     1 
ATOM   171 N N7     . DA  A 1 3  ? -6.151  2.040   1.191   1.00 0.25 ? 3  DA  A N7     1 
ATOM   172 C C5     . DA  A 1 3  ? -5.642  2.491   2.409   1.00 0.23 ? 3  DA  A C5     1 
ATOM   173 C C6     . DA  A 1 3  ? -4.884  1.874   3.400   1.00 0.21 ? 3  DA  A C6     1 
ATOM   174 N N6     . DA  A 1 3  ? -4.560  0.580   3.367   1.00 0.22 ? 3  DA  A N6     1 
ATOM   175 N N1     . DA  A 1 3  ? -4.459  2.643   4.419   1.00 0.20 ? 3  DA  A N1     1 
ATOM   176 C C2     . DA  A 1 3  ? -4.781  3.947   4.430   1.00 0.19 ? 3  DA  A C2     1 
ATOM   177 N N3     . DA  A 1 3  ? -5.487  4.613   3.575   1.00 0.21 ? 3  DA  A N3     1 
ATOM   178 C C4     . DA  A 1 3  ? -5.889  3.809   2.580   1.00 0.23 ? 3  DA  A C4     1 
ATOM   179 H "H5'"  . DA  A 1 3  ? -10.785 6.580   -0.094  1.00 0.28 ? 3  DA  A "H5'"  1 
ATOM   180 H "H5''" . DA  A 1 3  ? -9.811  7.325   -1.363  1.00 0.32 ? 3  DA  A "H5''" 1 
ATOM   181 H "H4'"  . DA  A 1 3  ? -8.988  7.628   1.119   1.00 0.25 ? 3  DA  A "H4'"  1 
ATOM   182 H "H3'"  . DA  A 1 3  ? -7.584  7.214   -1.366  1.00 0.34 ? 3  DA  A "H3'"  1 
ATOM   183 H "H2'"  . DA  A 1 3  ? -6.204  5.473   -0.696  1.00 0.32 ? 3  DA  A "H2'"  1 
ATOM   184 H "H2''" . DA  A 1 3  ? -5.405  6.692   0.315   1.00 0.32 ? 3  DA  A "H2''" 1 
ATOM   185 H "H1'"  . DA  A 1 3  ? -6.639  6.144   2.278   1.00 0.25 ? 3  DA  A "H1'"  1 
ATOM   186 H H8     . DA  A 1 3  ? -7.083  3.159   -0.329  1.00 0.28 ? 3  DA  A H8     1 
ATOM   187 H H61    . DA  A 1 3  ? -4.048  0.153   4.155   1.00 0.22 ? 3  DA  A H61    1 
ATOM   188 H H62    . DA  A 1 3  ? -4.820  0.006   2.551   1.00 0.23 ? 3  DA  A H62    1 
ATOM   189 H H2     . DA  A 1 3  ? -4.345  4.569   5.268   1.00 0.18 ? 3  DA  A H2     1 
ATOM   190 P P      . DT  A 1 4  ? -5.733  9.348   -0.670  1.00 0.36 ? 4  DT  A P      1 
ATOM   191 O OP1    . DT  A 1 4  ? -5.763  10.795  -0.351  1.00 0.38 ? 4  DT  A OP1    1 
ATOM   192 O OP2    . DT  A 1 4  ? -5.751  8.998   -2.109  1.00 0.38 ? 4  DT  A OP2    1 
ATOM   193 O "O5'"  . DT  A 1 4  ? -4.381  8.593   0.109   1.00 0.34 ? 4  DT  A "O5'"  1 
ATOM   194 C "C5'"  . DT  A 1 4  ? -4.196  8.850   1.542   1.00 0.29 ? 4  DT  A "C5'"  1 
ATOM   195 C "C4'"  . DT  A 1 4  ? -2.870  8.248   2.022   1.00 0.25 ? 4  DT  A "C4'"  1 
ATOM   196 O "O4'"  . DT  A 1 4  ? -2.967  6.790   2.064   1.00 0.22 ? 4  DT  A "O4'"  1 
ATOM   197 C "C3'"  . DT  A 1 4  ? -1.771  8.569   1.044   1.00 0.24 ? 4  DT  A "C3'"  1 
ATOM   198 O "O3'"  . DT  A 1 4  ? -0.754  9.306   1.721   1.00 0.23 ? 4  DT  A "O3'"  1 
ATOM   199 C "C2'"  . DT  A 1 4  ? -1.171  7.221   0.550   1.00 0.21 ? 4  DT  A "C2'"  1 
ATOM   200 C "C1'"  . DT  A 1 4  ? -1.692  6.259   1.633   1.00 0.20 ? 4  DT  A "C1'"  1 
ATOM   201 N N1     . DT  A 1 4  ? -1.926  4.889   1.095   1.00 0.20 ? 4  DT  A N1     1 
ATOM   202 C C2     . DT  A 1 4  ? -1.240  3.821   1.658   1.00 0.19 ? 4  DT  A C2     1 
ATOM   203 O O2     . DT  A 1 4  ? -0.434  3.982   2.565   1.00 0.19 ? 4  DT  A O2     1 
ATOM   204 N N3     . DT  A 1 4  ? -1.488  2.581   1.131   1.00 0.20 ? 4  DT  A N3     1 
ATOM   205 C C4     . DT  A 1 4  ? -2.341  2.285   0.103   1.00 0.21 ? 4  DT  A C4     1 
ATOM   206 O O4     . DT  A 1 4  ? -2.494  1.125   -0.266  1.00 0.22 ? 4  DT  A O4     1 
ATOM   207 C C5     . DT  A 1 4  ? -3.020  3.433   -0.454  1.00 0.21 ? 4  DT  A C5     1 
ATOM   208 C C7     . DT  A 1 4  ? -3.955  3.159   -1.607  1.00 0.23 ? 4  DT  A C7     1 
ATOM   209 C C6     . DT  A 1 4  ? -2.808  4.675   0.045   1.00 0.21 ? 4  DT  A C6     1 
ATOM   210 H "H5'"  . DT  A 1 4  ? -5.033  8.421   2.089   1.00 0.25 ? 4  DT  A "H5'"  1 
ATOM   211 H "H5''" . DT  A 1 4  ? -4.204  9.928   1.706   1.00 0.38 ? 4  DT  A "H5''" 1 
ATOM   212 H "H4'"  . DT  A 1 4  ? -2.611  8.638   3.006   1.00 0.25 ? 4  DT  A "H4'"  1 
ATOM   213 H "H3'"  . DT  A 1 4  ? -2.183  9.183   0.207   1.00 0.27 ? 4  DT  A "H3'"  1 
ATOM   214 H "H2'"  . DT  A 1 4  ? -1.536  6.929   -0.460  1.00 0.22 ? 4  DT  A "H2'"  1 
ATOM   215 H "H2''" . DT  A 1 4  ? -0.083  7.251   0.537   1.00 0.19 ? 4  DT  A "H2''" 1 
ATOM   216 H "H1'"  . DT  A 1 4  ? -0.973  6.178   2.524   1.00 0.19 ? 4  DT  A "H1'"  1 
ATOM   217 H H3     . DT  A 1 4  ? -0.978  1.793   1.548   1.00 0.20 ? 4  DT  A H3     1 
ATOM   218 H H71    . DT  A 1 4  ? -3.408  3.235   -2.547  1.00 0.71 ? 4  DT  A H71    1 
ATOM   219 H H72    . DT  A 1 4  ? -4.371  2.156   -1.511  1.00 0.77 ? 4  DT  A H72    1 
ATOM   220 H H73    . DT  A 1 4  ? -4.767  3.887   -1.600  1.00 0.72 ? 4  DT  A H73    1 
ATOM   221 H H6     . DT  A 1 4  ? -3.329  5.513   -0.399  1.00 0.21 ? 4  DT  A H6     1 
ATOM   222 P P      . DT  A 1 5  ? 0.460   10.089  0.779   1.00 0.27 ? 5  DT  A P      1 
ATOM   223 O OP1    . DT  A 1 5  ? 0.829   11.381  1.399   1.00 0.31 ? 5  DT  A OP1    1 
ATOM   224 O OP2    . DT  A 1 5  ? 0.054   10.139  -0.647  1.00 0.30 ? 5  DT  A OP2    1 
ATOM   225 O "O5'"  . DT  A 1 5  ? 1.723   8.947   0.993   1.00 0.26 ? 5  DT  A "O5'"  1 
ATOM   226 C "C5'"  . DT  A 1 5  ? 2.077   8.636   2.364   1.00 0.29 ? 5  DT  A "C5'"  1 
ATOM   227 C "C4'"  . DT  A 1 5  ? 2.990   7.423   2.413   1.00 0.30 ? 5  DT  A "C4'"  1 
ATOM   228 O "O4'"  . DT  A 1 5  ? 2.260   6.223   2.058   1.00 0.25 ? 5  DT  A "O4'"  1 
ATOM   229 C "C3'"  . DT  A 1 5  ? 4.118   7.549   1.415   1.00 0.34 ? 5  DT  A "C3'"  1 
ATOM   230 O "O3'"  . DT  A 1 5  ? 5.356   7.608   2.174   1.00 0.40 ? 5  DT  A "O3'"  1 
ATOM   231 C "C2'"  . DT  A 1 5  ? 4.079   6.305   0.511   1.00 0.31 ? 5  DT  A "C2'"  1 
ATOM   232 C "C1'"  . DT  A 1 5  ? 3.182   5.374   1.358   1.00 0.26 ? 5  DT  A "C1'"  1 
ATOM   233 N N1     . DT  A 1 5  ? 2.389   4.361   0.579   1.00 0.22 ? 5  DT  A N1     1 
ATOM   234 C C2     . DT  A 1 5  ? 2.517   3.003   0.935   1.00 0.22 ? 5  DT  A C2     1 
ATOM   235 O O2     . DT  A 1 5  ? 3.237   2.642   1.858   1.00 0.23 ? 5  DT  A O2     1 
ATOM   236 N N3     . DT  A 1 5  ? 1.791   2.100   0.205   1.00 0.23 ? 5  DT  A N3     1 
ATOM   237 C C4     . DT  A 1 5  ? 0.955   2.382   -0.844  1.00 0.24 ? 5  DT  A C4     1 
ATOM   238 O O4     . DT  A 1 5  ? 0.355   1.480   -1.421  1.00 0.28 ? 5  DT  A O4     1 
ATOM   239 C C5     . DT  A 1 5  ? 0.859   3.794   -1.176  1.00 0.23 ? 5  DT  A C5     1 
ATOM   240 C C7     . DT  A 1 5  ? -0.035  4.143   -2.339  1.00 0.25 ? 5  DT  A C7     1 
ATOM   241 C C6     . DT  A 1 5  ? 1.548   4.729   -0.473  1.00 0.22 ? 5  DT  A C6     1 
ATOM   242 H "H5'"  . DT  A 1 5  ? 1.164   8.449   2.930   1.00 0.29 ? 5  DT  A "H5'"  1 
ATOM   243 H "H5''" . DT  A 1 5  ? 2.573   9.503   2.801   1.00 0.38 ? 5  DT  A "H5''" 1 
ATOM   244 H "H4'"  . DT  A 1 5  ? 3.406   7.318   3.414   1.00 0.33 ? 5  DT  A "H4'"  1 
ATOM   245 H "H3'"  . DT  A 1 5  ? 3.991   8.458   0.821   1.00 0.35 ? 5  DT  A "H3'"  1 
ATOM   246 H "H2'"  . DT  A 1 5  ? 3.666   6.520   -0.434  1.00 0.30 ? 5  DT  A "H2'"  1 
ATOM   247 H "H2''" . DT  A 1 5  ? 5.038   5.899   0.351   1.00 0.33 ? 5  DT  A "H2''" 1 
ATOM   248 H "H1'"  . DT  A 1 5  ? 3.801   4.825   2.100   1.00 0.28 ? 5  DT  A "H1'"  1 
ATOM   249 H H3     . DT  A 1 5  ? 1.877   1.113   0.474   1.00 0.25 ? 5  DT  A H3     1 
ATOM   250 H H71    . DT  A 1 5  ? -0.442  3.231   -2.775  1.00 0.80 ? 5  DT  A H71    1 
ATOM   251 H H72    . DT  A 1 5  ? -0.850  4.776   -1.996  1.00 1.14 ? 5  DT  A H72    1 
ATOM   252 H H73    . DT  A 1 5  ? 0.545   4.676   -3.094  1.00 1.19 ? 5  DT  A H73    1 
ATOM   253 H H6     . DT  A 1 5  ? 1.407   5.780   -0.724  1.00 0.24 ? 5  DT  A H6     1 
ATOM   254 P P      . DA  A 1 6  ? 6.809   6.896   1.584   1.00 0.39 ? 6  DA  A P      1 
ATOM   255 O OP1    . DA  A 1 6  ? 7.983   7.509   2.247   1.00 0.41 ? 6  DA  A OP1    1 
ATOM   256 O OP2    . DA  A 1 6  ? 6.820   6.897   0.100   1.00 0.38 ? 6  DA  A OP2    1 
ATOM   257 O "O5'"  . DA  A 1 6  ? 6.560   5.292   2.174   1.00 0.46 ? 6  DA  A "O5'"  1 
ATOM   258 C "C5'"  . DA  A 1 6  ? 7.586   4.746   3.044   1.00 0.55 ? 6  DA  A "C5'"  1 
ATOM   259 C "C4'"  . DA  A 1 6  ? 7.867   3.319   2.688   1.00 0.44 ? 6  DA  A "C4'"  1 
ATOM   260 O "O4'"  . DA  A 1 6  ? 6.677   2.655   2.160   1.00 0.43 ? 6  DA  A "O4'"  1 
ATOM   261 C "C3'"  . DA  A 1 6  ? 8.859   3.359   1.605   1.00 0.34 ? 6  DA  A "C3'"  1 
ATOM   262 O "O3'"  . DA  A 1 6  ? 9.986   2.568   2.029   1.00 0.38 ? 6  DA  A "O3'"  1 
ATOM   263 C "C2'"  . DA  A 1 6  ? 8.157   2.623   0.302   1.00 0.28 ? 6  DA  A "C2'"  1 
ATOM   264 C "C1'"  . DA  A 1 6  ? 7.087   1.861   1.019   1.00 0.35 ? 6  DA  A "C1'"  1 
ATOM   265 N N9     . DA  A 1 6  ? 5.950   1.634   0.159   1.00 0.35 ? 6  DA  A N9     1 
ATOM   266 C C8     . DA  A 1 6  ? 5.466   2.402   -0.825  1.00 0.33 ? 6  DA  A C8     1 
ATOM   267 N N7     . DA  A 1 6  ? 4.481   1.846   -1.478  1.00 0.35 ? 6  DA  A N7     1 
ATOM   268 C C5     . DA  A 1 6  ? 4.346   0.596   -0.851  1.00 0.36 ? 6  DA  A C5     1 
ATOM   269 C C6     . DA  A 1 6  ? 3.546   -0.529  -1.126  1.00 0.38 ? 6  DA  A C6     1 
ATOM   270 N N6     . DA  A 1 6  ? 2.629   -0.547  -2.087  1.00 0.39 ? 6  DA  A N6     1 
ATOM   271 N N1     . DA  A 1 6  ? 3.734   -1.628  -0.377  1.00 0.39 ? 6  DA  A N1     1 
ATOM   272 C C2     . DA  A 1 6  ? 4.653   -1.601  0.576   1.00 0.40 ? 6  DA  A C2     1 
ATOM   273 N N3     . DA  A 1 6  ? 5.455   -0.617  0.937   1.00 0.39 ? 6  DA  A N3     1 
ATOM   274 C C4     . DA  A 1 6  ? 5.235   0.466   0.160   1.00 0.37 ? 6  DA  A C4     1 
ATOM   275 H "H5'"  . DA  A 1 6  ? 7.276   4.844   4.078   1.00 0.91 ? 6  DA  A "H5'"  1 
ATOM   276 H "H5''" . DA  A 1 6  ? 8.502   5.329   2.897   1.00 0.59 ? 6  DA  A "H5''" 1 
ATOM   277 H "H4'"  . DA  A 1 6  ? 8.270   2.777   3.545   1.00 0.48 ? 6  DA  A "H4'"  1 
ATOM   278 H "H3'"  . DA  A 1 6  ? 9.185   4.503   1.490   1.00 0.32 ? 6  DA  A "H3'"  1 
ATOM   279 H "H2'"  . DA  A 1 6  ? 7.682   3.292   -0.472  1.00 0.27 ? 6  DA  A "H2'"  1 
ATOM   280 H "H2''" . DA  A 1 6  ? 8.821   1.927   -0.226  1.00 0.24 ? 6  DA  A "H2''" 1 
ATOM   281 H "H1'"  . DA  A 1 6  ? 7.464   0.899   1.352   1.00 0.36 ? 6  DA  A "H1'"  1 
ATOM   282 H H8     . DA  A 1 6  ? 5.908   3.372   -1.082  1.00 0.31 ? 6  DA  A H8     1 
ATOM   283 H H61    . DA  A 1 6  ? 2.026   -1.380  -2.210  1.00 0.40 ? 6  DA  A H61    1 
ATOM   284 H H62    . DA  A 1 6  ? 2.515   0.270   -2.708  1.00 0.38 ? 6  DA  A H62    1 
ATOM   285 H H2     . DA  A 1 6  ? 4.758   -2.520  1.145   1.00 0.42 ? 6  DA  A H2     1 
ATOM   286 P P      . DT  A 1 7  ? 11.313  2.300   0.955   1.00 0.34 ? 7  DT  A P      1 
ATOM   287 O OP1    . DT  A 1 7  ? 12.573  2.761   1.581   1.00 0.48 ? 7  DT  A OP1    1 
ATOM   288 O OP2    . DT  A 1 7  ? 11.007  2.859   -0.383  1.00 0.28 ? 7  DT  A OP2    1 
ATOM   289 O "O5'"  . DT  A 1 7  ? 11.277  0.571   0.895   1.00 0.33 ? 7  DT  A "O5'"  1 
ATOM   290 C "C5'"  . DT  A 1 7  ? 11.168  -0.152  2.163   1.00 0.48 ? 7  DT  A "C5'"  1 
ATOM   291 C "C4'"  . DT  A 1 7  ? 10.670  -1.578  1.908   1.00 0.49 ? 7  DT  A "C4'"  1 
ATOM   292 O "O4'"  . DT  A 1 7  ? 9.375   -1.529  1.262   1.00 0.42 ? 7  DT  A "O4'"  1 
ATOM   293 C "C3'"  . DT  A 1 7  ? 11.593  -2.293  0.949   1.00 0.50 ? 7  DT  A "C3'"  1 
ATOM   294 O "O3'"  . DT  A 1 7  ? 11.993  -3.541  1.556   1.00 0.62 ? 7  DT  A "O3'"  1 
ATOM   295 C "C2'"  . DT  A 1 7  ? 10.812  -2.587  -0.319  1.00 0.40 ? 7  DT  A "C2'"  1 
ATOM   296 C "C1'"  . DT  A 1 7  ? 9.380   -2.493  0.186   1.00 0.37 ? 7  DT  A "C1'"  1 
ATOM   297 N N1     . DT  A 1 7  ? 8.476   -1.970  -0.839  1.00 0.28 ? 7  DT  A N1     1 
ATOM   298 C C2     . DT  A 1 7  ? 7.320   -2.681  -1.206  1.00 0.28 ? 7  DT  A C2     1 
ATOM   299 O O2     . DT  A 1 7  ? 7.052   -3.775  -0.728  1.00 0.33 ? 7  DT  A O2     1 
ATOM   300 N N3     . DT  A 1 7  ? 6.498   -2.078  -2.126  1.00 0.24 ? 7  DT  A N3     1 
ATOM   301 C C4     . DT  A 1 7  ? 6.699   -0.847  -2.706  1.00 0.23 ? 7  DT  A C4     1 
ATOM   302 O O4     . DT  A 1 7  ? 5.888   -0.395  -3.507  1.00 0.27 ? 7  DT  A O4     1 
ATOM   303 C C5     . DT  A 1 7  ? 7.921   -0.179  -2.278  1.00 0.22 ? 7  DT  A C5     1 
ATOM   304 C C7     . DT  A 1 7  ? 8.162   1.204   -2.825  1.00 0.26 ? 7  DT  A C7     1 
ATOM   305 C C6     . DT  A 1 7  ? 8.752   -0.757  -1.387  1.00 0.24 ? 7  DT  A C6     1 
ATOM   306 H "H5'"  . DT  A 1 7  ? 10.476  0.385   2.816   1.00 0.53 ? 7  DT  A "H5'"  1 
ATOM   307 H "H5''" . DT  A 1 7  ? 12.145  -0.167  2.646   1.00 0.57 ? 7  DT  A "H5''" 1 
ATOM   308 H "H4'"  . DT  A 1 7  ? 10.606  -2.134  2.844   1.00 0.56 ? 7  DT  A "H4'"  1 
ATOM   309 H "H3'"  . DT  A 1 7  ? 12.467  -1.672  0.733   1.00 0.53 ? 7  DT  A "H3'"  1 
ATOM   310 H "H2'"  . DT  A 1 7  ? 11.001  -1.846  -1.120  1.00 0.35 ? 7  DT  A "H2'"  1 
ATOM   311 H "H2''" . DT  A 1 7  ? 11.040  -3.568  -0.689  1.00 0.42 ? 7  DT  A "H2''" 1 
ATOM   312 H "H1'"  . DT  A 1 7  ? 9.003   -3.463  0.534   1.00 0.42 ? 7  DT  A "H1'"  1 
ATOM   313 H H3     . DT  A 1 7  ? 5.669   -2.606  -2.426  1.00 0.27 ? 7  DT  A H3     1 
ATOM   314 H H71    . DT  A 1 7  ? 7.272   1.554   -3.347  1.00 0.16 ? 7  DT  A H71    1 
ATOM   315 H H72    . DT  A 1 7  ? 8.390   1.888   -1.995  1.00 0.45 ? 7  DT  A H72    1 
ATOM   316 H H73    . DT  A 1 7  ? 9.004   1.182   -3.516  1.00 0.56 ? 7  DT  A H73    1 
ATOM   317 H H6     . DT  A 1 7  ? 9.712   -0.284  -1.156  1.00 0.26 ? 7  DT  A H6     1 
ATOM   318 P P      . DC  A 1 8  ? 13.102  -4.591  0.737   1.00 0.68 ? 8  DC  A P      1 
ATOM   319 O OP1    . DC  A 1 8  ? 13.795  -5.457  1.720   1.00 0.86 ? 8  DC  A OP1    1 
ATOM   320 O OP2    . DC  A 1 8  ? 13.972  -3.808  -0.170  1.00 0.78 ? 8  DC  A OP2    1 
ATOM   321 O "O5'"  . DC  A 1 8  ? 11.975  -5.528  -0.188  1.00 0.53 ? 8  DC  A "O5'"  1 
ATOM   322 C "C5'"  . DC  A 1 8  ? 11.883  -6.961  0.103   1.00 0.53 ? 8  DC  A "C5'"  1 
ATOM   323 C "C4'"  . DC  A 1 8  ? 11.033  -7.663  -0.968  1.00 0.45 ? 8  DC  A "C4'"  1 
ATOM   324 O "O4'"  . DC  A 1 8  ? 10.059  -6.739  -1.503  1.00 0.37 ? 8  DC  A "O4'"  1 
ATOM   325 C "C3'"  . DC  A 1 8  ? 11.895  -8.084  -2.138  1.00 0.47 ? 8  DC  A "C3'"  1 
ATOM   326 O "O3'"  . DC  A 1 8  ? 11.697  -9.494  -2.358  1.00 0.50 ? 8  DC  A "O3'"  1 
ATOM   327 C "C2'"  . DC  A 1 8  ? 11.418  -7.311  -3.364  1.00 0.40 ? 8  DC  A "C2'"  1 
ATOM   328 C "C1'"  . DC  A 1 8  ? 10.028  -6.915  -2.933  1.00 0.33 ? 8  DC  A "C1'"  1 
ATOM   329 N N1     . DC  A 1 8  ? 9.587   -5.637  -3.517  1.00 0.27 ? 8  DC  A N1     1 
ATOM   330 C C2     . DC  A 1 8  ? 8.397   -5.586  -4.265  1.00 0.22 ? 8  DC  A C2     1 
ATOM   331 O O2     . DC  A 1 8  ? 7.760   -6.598  -4.513  1.00 0.24 ? 8  DC  A O2     1 
ATOM   332 N N3     . DC  A 1 8  ? 7.986   -4.384  -4.727  1.00 0.17 ? 8  DC  A N3     1 
ATOM   333 C C4     . DC  A 1 8  ? 8.673   -3.263  -4.480  1.00 0.19 ? 8  DC  A C4     1 
ATOM   334 N N4     . DC  A 1 8  ? 8.207   -2.110  -4.953  1.00 0.18 ? 8  DC  A N4     1 
ATOM   335 C C5     . DC  A 1 8  ? 9.893   -3.289  -3.726  1.00 0.26 ? 8  DC  A C5     1 
ATOM   336 C C6     . DC  A 1 8  ? 10.312  -4.512  -3.271  1.00 0.29 ? 8  DC  A C6     1 
ATOM   337 H "H5'"  . DC  A 1 8  ? 11.437  -7.090  1.090   1.00 0.64 ? 8  DC  A "H5'"  1 
ATOM   338 H "H5''" . DC  A 1 8  ? 12.890  -7.381  0.132   1.00 0.58 ? 8  DC  A "H5''" 1 
ATOM   339 H "H4'"  . DC  A 1 8  ? 10.534  -8.538  -0.544  1.00 0.47 ? 8  DC  A "H4'"  1 
ATOM   340 H "H3'"  . DC  A 1 8  ? 12.948  -7.871  -1.926  1.00 0.54 ? 8  DC  A "H3'"  1 
ATOM   341 H "H2'"  . DC  A 1 8  ? 12.024  -6.458  -3.563  1.00 0.43 ? 8  DC  A "H2'"  1 
ATOM   342 H "H2''" . DC  A 1 8  ? 11.396  -7.923  -4.237  1.00 0.41 ? 8  DC  A "H2''" 1 
ATOM   343 H "H1'"  . DC  A 1 8  ? 9.317   -7.680  -3.198  1.00 0.33 ? 8  DC  A "H1'"  1 
ATOM   344 H H41    . DC  A 1 8  ? 7.292   -2.085  -5.440  1.00 0.15 ? 8  DC  A H41    1 
ATOM   345 H H42    . DC  A 1 8  ? 8.759   -1.245  -4.846  1.00 0.22 ? 8  DC  A H42    1 
ATOM   346 H H5     . DC  A 1 8  ? 10.455  -2.371  -3.477  1.00 0.30 ? 8  DC  A H5     1 
ATOM   347 H H6     . DC  A 1 8  ? 11.271  -4.623  -2.771  1.00 0.36 ? 8  DC  A H6     1 
ATOM   348 P P      . DT  A 1 9  ? 12.597  -10.309 -3.591  1.00 0.63 ? 9  DT  A P      1 
ATOM   349 O OP1    . DT  A 1 9  ? 12.905  -11.692 -3.164  1.00 0.75 ? 9  DT  A OP1    1 
ATOM   350 O OP2    . DT  A 1 9  ? 13.751  -9.479  -4.006  1.00 0.68 ? 9  DT  A OP2    1 
ATOM   351 O "O5'"  . DT  A 1 9  ? 11.403  -10.325 -4.837  1.00 0.61 ? 9  DT  A "O5'"  1 
ATOM   352 C "C5'"  . DT  A 1 9  ? 10.204  -11.126 -4.603  1.00 0.62 ? 9  DT  A "C5'"  1 
ATOM   353 C "C4'"  . DT  A 1 9  ? 9.270   -11.016 -5.802  1.00 0.63 ? 9  DT  A "C4'"  1 
ATOM   354 O "O4'"  . DT  A 1 9  ? 8.982   -9.613  -6.061  1.00 0.53 ? 9  DT  A "O4'"  1 
ATOM   355 C "C3'"  . DT  A 1 9  ? 9.942   -11.570 -7.042  1.00 0.71 ? 9  DT  A "C3'"  1 
ATOM   356 O "O3'"  . DT  A 1 9  ? 8.974   -12.470 -7.676  1.00 0.80 ? 9  DT  A "O3'"  1 
ATOM   357 C "C2'"  . DT  A 1 9  ? 10.288  -10.394 -7.948  1.00 0.63 ? 9  DT  A "C2'"  1 
ATOM   358 C "C1'"  . DT  A 1 9  ? 9.188   -9.356  -7.461  1.00 0.51 ? 9  DT  A "C1'"  1 
ATOM   359 N N1     . DT  A 1 9  ? 9.549   -7.904  -7.582  1.00 0.41 ? 9  DT  A N1     1 
ATOM   360 C C2     . DT  A 1 9  ? 8.671   -7.071  -8.293  1.00 0.32 ? 9  DT  A C2     1 
ATOM   361 O O2     . DT  A 1 9  ? 7.630   -7.498  -8.777  1.00 0.32 ? 9  DT  A O2     1 
ATOM   362 N N3     . DT  A 1 9  ? 9.006   -5.751  -8.392  1.00 0.29 ? 9  DT  A N3     1 
ATOM   363 C C4     . DT  A 1 9  ? 10.119  -5.152  -7.860  1.00 0.34 ? 9  DT  A C4     1 
ATOM   364 O O4     . DT  A 1 9  ? 10.311  -3.952  -8.010  1.00 0.38 ? 9  DT  A O4     1 
ATOM   365 C C5     . DT  A 1 9  ? 10.997  -6.055  -7.133  1.00 0.40 ? 9  DT  A C5     1 
ATOM   366 C C7     . DT  A 1 9  ? 12.239  -5.440  -6.544  1.00 0.47 ? 9  DT  A C7     1 
ATOM   367 C C6     . DT  A 1 9  ? 10.702  -7.370  -7.006  1.00 0.44 ? 9  DT  A C6     1 
ATOM   368 H "H5'"  . DT  A 1 9  ? 9.711   -10.770 -3.699  1.00 0.60 ? 9  DT  A "H5'"  1 
ATOM   369 H "H5''" . DT  A 1 9  ? 10.500  -12.164 -4.443  1.00 0.65 ? 9  DT  A "H5''" 1 
ATOM   370 H "H4'"  . DT  A 1 9  ? 8.345   -11.561 -5.613  1.00 0.67 ? 9  DT  A "H4'"  1 
ATOM   371 H "H3'"  . DT  A 1 9  ? 10.842  -12.115 -6.768  1.00 0.79 ? 9  DT  A "H3'"  1 
ATOM   372 H "H2'"  . DT  A 1 9  ? 11.285  -10.048 -7.767  1.00 0.65 ? 9  DT  A "H2'"  1 
ATOM   373 H "H2''" . DT  A 1 9  ? 10.229  -10.659 -8.993  1.00 0.66 ? 9  DT  A "H2''" 1 
ATOM   374 H "H1'"  . DT  A 1 9  ? 8.204   -9.503  -8.010  1.00 0.51 ? 9  DT  A "H1'"  1 
ATOM   375 H H3     . DT  A 1 9  ? 8.363   -5.155  -8.922  1.00 0.27 ? 9  DT  A H3     1 
ATOM   376 H H71    . DT  A 1 9  ? 11.960  -4.698  -5.796  1.00 0.74 ? 9  DT  A H71    1 
ATOM   377 H H72    . DT  A 1 9  ? 12.841  -6.219  -6.076  1.00 1.17 ? 9  DT  A H72    1 
ATOM   378 H H73    . DT  A 1 9  ? 12.817  -4.960  -7.332  1.00 0.85 ? 9  DT  A H73    1 
ATOM   379 H H6     . DT  A 1 9  ? 11.363  -7.998  -6.413  1.00 0.52 ? 9  DT  A H6     1 
ATOM   380 P P      . DG  A 1 10 ? 8.653   -12.444 -9.378  1.00 0.96 ? 10 DG  A P      1 
ATOM   381 O OP1    . DG  A 1 10 ? 7.930   -13.677 -9.774  1.00 1.11 ? 10 DG  A OP1    1 
ATOM   382 O OP2    . DG  A 1 10 ? 9.897   -12.151 -10.128 1.00 0.99 ? 10 DG  A OP2    1 
ATOM   383 O "O5'"  . DG  A 1 10 ? 7.590   -11.078 -9.440  1.00 0.88 ? 10 DG  A "O5'"  1 
ATOM   384 C "C5'"  . DG  A 1 10 ? 6.166   -11.321 -9.705  1.00 0.93 ? 10 DG  A "C5'"  1 
ATOM   385 C "C4'"  . DG  A 1 10 ? 5.847   -10.993 -11.170 1.00 0.92 ? 10 DG  A "C4'"  1 
ATOM   386 O "O4'"  . DG  A 1 10 ? 6.012   -9.567  -11.383 1.00 0.74 ? 10 DG  A "O4'"  1 
ATOM   387 C "C3'"  . DG  A 1 10 ? 6.838   -11.668 -12.077 1.00 1.00 ? 10 DG  A "C3'"  1 
ATOM   388 O "O3'"  . DG  A 1 10 ? 6.237   -12.112 -13.294 1.00 1.11 ? 10 DG  A "O3'"  1 
ATOM   389 C "C2'"  . DG  A 1 10 ? 7.883   -10.643 -12.407 1.00 0.87 ? 10 DG  A "C2'"  1 
ATOM   390 C "C1'"  . DG  A 1 10 ? 7.048   -9.377  -12.382 1.00 0.72 ? 10 DG  A "C1'"  1 
ATOM   391 N N9     . DG  A 1 10 ? 7.845   -8.233  -11.975 1.00 0.57 ? 10 DG  A N9     1 
ATOM   392 C C8     . DG  A 1 10 ? 8.824   -8.164  -11.060 1.00 0.55 ? 10 DG  A C8     1 
ATOM   393 N N7     . DG  A 1 10 ? 9.366   -6.981  -10.971 1.00 0.47 ? 10 DG  A N7     1 
ATOM   394 C C5     . DG  A 1 10 ? 8.664   -6.229  -11.923 1.00 0.43 ? 10 DG  A C5     1 
ATOM   395 C C6     . DG  A 1 10 ? 8.816   -4.830  -12.350 1.00 0.41 ? 10 DG  A C6     1 
ATOM   396 O O6     . DG  A 1 10 ? 9.619   -4.036  -11.876 1.00 0.44 ? 10 DG  A O6     1 
ATOM   397 N N1     . DG  A 1 10 ? 7.962   -4.477  -13.358 1.00 0.39 ? 10 DG  A N1     1 
ATOM   398 C C2     . DG  A 1 10 ? 7.055   -5.331  -13.927 1.00 0.40 ? 10 DG  A C2     1 
ATOM   399 N N2     . DG  A 1 10 ? 6.301   -4.833  -14.897 1.00 0.38 ? 10 DG  A N2     1 
ATOM   400 N N3     . DG  A 1 10 ? 6.888   -6.612  -13.552 1.00 0.47 ? 10 DG  A N3     1 
ATOM   401 C C4     . DG  A 1 10 ? 7.723   -6.984  -12.542 1.00 0.48 ? 10 DG  A C4     1 
ATOM   402 H "H5'"  . DG  A 1 10 ? 5.573   -10.697 -9.035  1.00 0.87 ? 10 DG  A "H5'"  1 
ATOM   403 H "H5''" . DG  A 1 10 ? 5.937   -12.364 -9.485  1.00 1.04 ? 10 DG  A "H5''" 1 
ATOM   404 H "H4'"  . DG  A 1 10 ? 4.833   -11.303 -11.424 1.00 1.01 ? 10 DG  A "H4'"  1 
ATOM   405 H "H3'"  . DG  A 1 10 ? 7.289   -12.519 -11.569 1.00 1.09 ? 10 DG  A "H3'"  1 
ATOM   406 H "HO3'" . DG  A 1 10 ? 5.075   -12.064 -13.195 1.00 1.07 ? 10 DG  A "HO3'" 1 
ATOM   407 H "H2'"  . DG  A 1 10 ? 8.677   -10.602 -11.638 1.00 0.85 ? 10 DG  A "H2'"  1 
ATOM   408 H "H2''" . DG  A 1 10 ? 8.336   -10.821 -13.387 1.00 0.95 ? 10 DG  A "H2''" 1 
ATOM   409 H "H1'"  . DG  A 1 10 ? 6.612   -9.173  -13.357 1.00 0.73 ? 10 DG  A "H1'"  1 
ATOM   410 H H8     . DG  A 1 10 ? 9.119   -9.026  -10.444 1.00 0.62 ? 10 DG  A H8     1 
ATOM   411 H H1     . DG  A 1 10 ? 8.005   -3.507  -13.695 1.00 0.41 ? 10 DG  A H1     1 
ATOM   412 H H21    . DG  A 1 10 ? 6.368   -3.828  -15.138 1.00 0.36 ? 10 DG  A H21    1 
ATOM   413 H H22    . DG  A 1 10 ? 5.648   -5.445  -15.405 1.00 0.42 ? 10 DG  A H22    1 
ATOM   414 O "O5'"  . DC  B 2 1  ? 8.739   3.536   -17.494 1.00 0.81 ? 11 DC  B "O5'"  1 
ATOM   415 C "C5'"  . DC  B 2 1  ? 8.329   2.921   -18.750 1.00 0.74 ? 11 DC  B "C5'"  1 
ATOM   416 C "C4'"  . DC  B 2 1  ? 7.370   1.771   -18.460 1.00 0.68 ? 11 DC  B "C4'"  1 
ATOM   417 O "O4'"  . DC  B 2 1  ? 8.054   0.770   -17.657 1.00 0.68 ? 11 DC  B "O4'"  1 
ATOM   418 C "C3'"  . DC  B 2 1  ? 6.191   2.266   -17.640 1.00 0.64 ? 11 DC  B "C3'"  1 
ATOM   419 O "O3'"  . DC  B 2 1  ? 4.974   1.843   -18.311 1.00 0.61 ? 11 DC  B "O3'"  1 
ATOM   420 C "C2'"  . DC  B 2 1  ? 6.269   1.611   -16.266 1.00 0.62 ? 11 DC  B "C2'"  1 
ATOM   421 C "C1'"  . DC  B 2 1  ? 7.164   0.351   -16.613 1.00 0.60 ? 11 DC  B "C1'"  1 
ATOM   422 N N1     . DC  B 2 1  ? 8.007   -0.104  -15.480 1.00 0.61 ? 11 DC  B N1     1 
ATOM   423 C C2     . DC  B 2 1  ? 7.795   -1.389  -14.933 1.00 0.54 ? 11 DC  B C2     1 
ATOM   424 O O2     . DC  B 2 1  ? 6.932   -2.139  -15.378 1.00 0.48 ? 11 DC  B O2     1 
ATOM   425 N N3     . DC  B 2 1  ? 8.568   -1.774  -13.896 1.00 0.55 ? 11 DC  B N3     1 
ATOM   426 C C4     . DC  B 2 1  ? 9.518   -0.980  -13.393 1.00 0.64 ? 11 DC  B C4     1 
ATOM   427 N N4     . DC  B 2 1  ? 10.247  -1.423  -12.376 1.00 0.66 ? 11 DC  B N4     1 
ATOM   428 C C5     . DC  B 2 1  ? 9.754   0.326   -13.925 1.00 0.71 ? 11 DC  B C5     1 
ATOM   429 C C6     . DC  B 2 1  ? 8.983   0.722   -14.970 1.00 0.69 ? 11 DC  B C6     1 
ATOM   430 H "H5'"  . DC  B 2 1  ? 9.215   2.560   -19.272 1.00 0.80 ? 11 DC  B "H5'"  1 
ATOM   431 H "H5''" . DC  B 2 1  ? 7.851   3.676   -19.374 1.00 0.71 ? 11 DC  B "H5''" 1 
ATOM   432 H "H4'"  . DC  B 2 1  ? 7.010   1.329   -19.391 1.00 0.68 ? 11 DC  B "H4'"  1 
ATOM   433 H "H3'"  . DC  B 2 1  ? 6.224   3.359   -17.556 1.00 0.68 ? 11 DC  B "H3'"  1 
ATOM   434 H "H2'"  . DC  B 2 1  ? 6.754   2.274   -15.525 1.00 0.66 ? 11 DC  B "H2'"  1 
ATOM   435 H "H2''" . DC  B 2 1  ? 5.280   1.355   -15.891 1.00 0.58 ? 11 DC  B "H2''" 1 
ATOM   436 H "H1'"  . DC  B 2 1  ? 6.556   -0.538  -16.982 1.00 0.56 ? 11 DC  B "H1'"  1 
ATOM   437 H H41    . DC  B 2 1  ? 10.127  -2.397  -12.042 1.00 0.60 ? 11 DC  B H41    1 
ATOM   438 H H42    . DC  B 2 1  ? 10.926  -0.798  -11.916 1.00 0.73 ? 11 DC  B H42    1 
ATOM   439 H H5     . DC  B 2 1  ? 10.517  0.989   -13.517 1.00 0.79 ? 11 DC  B H5     1 
ATOM   440 H H6     . DC  B 2 1  ? 9.139   1.701   -15.422 1.00 0.75 ? 11 DC  B H6     1 
ATOM   441 H "HO5'" . DC  B 2 1  ? 9.887   3.467   -17.696 1.00 0.76 ? 11 DC  B "HO5'" 1 
ATOM   442 P P      . DA  B 2 2  ? 3.454   1.842   -17.470 1.00 0.58 ? 12 DA  B P      1 
ATOM   443 O OP1    . DA  B 2 2  ? 2.342   1.649   -18.428 1.00 0.58 ? 12 DA  B OP1    1 
ATOM   444 O OP2    . DA  B 2 2  ? 3.362   3.027   -16.587 1.00 0.57 ? 12 DA  B OP2    1 
ATOM   445 O "O5'"  . DA  B 2 2  ? 3.676   0.411   -16.518 1.00 0.61 ? 12 DA  B "O5'"  1 
ATOM   446 C "C5'"  . DA  B 2 2  ? 2.552   -0.053  -15.703 1.00 0.42 ? 12 DA  B "C5'"  1 
ATOM   447 C "C4'"  . DA  B 2 2  ? 2.824   -1.483  -15.241 1.00 0.39 ? 12 DA  B "C4'"  1 
ATOM   448 O "O4'"  . DA  B 2 2  ? 4.103   -1.540  -14.567 1.00 0.36 ? 12 DA  B "O4'"  1 
ATOM   449 C "C3'"  . DA  B 2 2  ? 1.785   -1.916  -14.221 1.00 0.37 ? 12 DA  B "C3'"  1 
ATOM   450 O "O3'"  . DA  B 2 2  ? 1.148   -3.112  -14.718 1.00 0.42 ? 12 DA  B "O3'"  1 
ATOM   451 C "C2'"  . DA  B 2 2  ? 2.505   -2.225  -12.919 1.00 0.31 ? 12 DA  B "C2'"  1 
ATOM   452 C "C1'"  . DA  B 2 2  ? 3.956   -2.426  -13.450 1.00 0.32 ? 12 DA  B "C1'"  1 
ATOM   453 N N9     . DA  B 2 2  ? 5.023   -2.088  -12.467 1.00 0.32 ? 12 DA  B N9     1 
ATOM   454 C C8     . DA  B 2 2  ? 5.647   -0.902  -12.173 1.00 0.39 ? 12 DA  B C8     1 
ATOM   455 N N7     . DA  B 2 2  ? 6.588   -1.028  -11.290 1.00 0.39 ? 12 DA  B N7     1 
ATOM   456 C C5     . DA  B 2 2  ? 6.570   -2.388  -10.973 1.00 0.31 ? 12 DA  B C5     1 
ATOM   457 C C6     . DA  B 2 2  ? 7.279   -3.145  -10.028 1.00 0.29 ? 12 DA  B C6     1 
ATOM   458 N N6     . DA  B 2 2  ? 8.236   -2.631  -9.265  1.00 0.34 ? 12 DA  B N6     1 
ATOM   459 N N1     . DA  B 2 2  ? 6.962   -4.441  -9.901  1.00 0.25 ? 12 DA  B N1     1 
ATOM   460 C C2     . DA  B 2 2  ? 6.003   -4.943  -10.669 1.00 0.24 ? 12 DA  B C2     1 
ATOM   461 N N3     . DA  B 2 2  ? 5.270   -4.345  -11.592 1.00 0.25 ? 12 DA  B N3     1 
ATOM   462 C C4     . DA  B 2 2  ? 5.622   -3.046  -11.688 1.00 0.27 ? 12 DA  B C4     1 
ATOM   463 H "H5'"  . DA  B 2 2  ? 1.640   -0.007  -16.299 1.00 0.59 ? 12 DA  B "H5'"  1 
ATOM   464 H "H5''" . DA  B 2 2  ? 2.434   0.612   -14.846 1.00 0.57 ? 12 DA  B "H5''" 1 
ATOM   465 H "H4'"  . DA  B 2 2  ? 2.812   -2.168  -16.092 1.00 0.44 ? 12 DA  B "H4'"  1 
ATOM   466 H "H3'"  . DA  B 2 2  ? 1.056   -1.126  -14.068 1.00 0.37 ? 12 DA  B "H3'"  1 
ATOM   467 H "H2'"  . DA  B 2 2  ? 2.430   -1.378  -12.222 1.00 0.32 ? 12 DA  B "H2'"  1 
ATOM   468 H "H2''" . DA  B 2 2  ? 2.097   -3.124  -12.428 1.00 0.30 ? 12 DA  B "H2''" 1 
ATOM   469 H "H1'"  . DA  B 2 2  ? 4.123   -3.475  -13.794 1.00 0.33 ? 12 DA  B "H1'"  1 
ATOM   470 H H8     . DA  B 2 2  ? 5.387   0.045   -12.632 1.00 0.45 ? 12 DA  B H8     1 
ATOM   471 H H61    . DA  B 2 2  ? 8.774   -3.239  -8.629  1.00 0.34 ? 12 DA  B H61    1 
ATOM   472 H H62    . DA  B 2 2  ? 8.441   -1.621  -9.311  1.00 0.41 ? 12 DA  B H62    1 
ATOM   473 H H2     . DA  B 2 2  ? 5.787   -5.997  -10.514 1.00 0.28 ? 12 DA  B H2     1 
ATOM   474 P P      . DG  B 2 3  ? -0.216  -3.775  -13.893 1.00 0.42 ? 13 DG  B P      1 
ATOM   475 O OP1    . DG  B 2 3  ? -0.981  -4.658  -14.805 1.00 0.50 ? 13 DG  B OP1    1 
ATOM   476 O OP2    . DG  B 2 3  ? -0.985  -2.696  -13.231 1.00 0.43 ? 13 DG  B OP2    1 
ATOM   477 O "O5'"  . DG  B 2 3  ? 0.617   -4.722  -12.712 1.00 0.34 ? 13 DG  B "O5'"  1 
ATOM   478 C "C5'"  . DG  B 2 3  ? 1.133   -6.028  -13.130 1.00 0.26 ? 13 DG  B "C5'"  1 
ATOM   479 C "C4'"  . DG  B 2 3  ? 1.396   -6.894  -11.898 1.00 0.18 ? 13 DG  B "C4'"  1 
ATOM   480 O "O4'"  . DG  B 2 3  ? 2.540   -6.366  -11.175 1.00 0.11 ? 13 DG  B "O4'"  1 
ATOM   481 C "C3'"  . DG  B 2 3  ? 0.213   -6.827  -10.951 1.00 0.22 ? 13 DG  B "C3'"  1 
ATOM   482 O "O3'"  . DG  B 2 3  ? -0.142  -8.181  -10.595 1.00 0.24 ? 13 DG  B "O3'"  1 
ATOM   483 C "C2'"  . DG  B 2 3  ? 0.668   -6.065  -9.705  1.00 0.19 ? 13 DG  B "C2'"  1 
ATOM   484 C "C1'"  . DG  B 2 3  ? 2.196   -6.293  -9.772  1.00 0.10 ? 13 DG  B "C1'"  1 
ATOM   485 N N9     . DG  B 2 3  ? 2.906   -5.152  -9.217  1.00 0.10 ? 13 DG  B N9     1 
ATOM   486 C C8     . DG  B 2 3  ? 2.683   -3.829  -9.398  1.00 0.15 ? 13 DG  B C8     1 
ATOM   487 N N7     . DG  B 2 3  ? 3.510   -3.072  -8.739  1.00 0.18 ? 13 DG  B N7     1 
ATOM   488 C C5     . DG  B 2 3  ? 4.326   -3.995  -8.069  1.00 0.17 ? 13 DG  B C5     1 
ATOM   489 C C6     . DG  B 2 3  ? 5.426   -3.794  -7.114  1.00 0.23 ? 13 DG  B C6     1 
ATOM   490 O O6     . DG  B 2 3  ? 5.859   -2.701  -6.763  1.00 0.28 ? 13 DG  B O6     1 
ATOM   491 N N1     . DG  B 2 3  ? 5.935   -4.967  -6.629  1.00 0.25 ? 13 DG  B N1     1 
ATOM   492 C C2     . DG  B 2 3  ? 5.471   -6.210  -6.984  1.00 0.23 ? 13 DG  B C2     1 
ATOM   493 N N2     . DG  B 2 3  ? 6.046   -7.248  -6.406  1.00 0.30 ? 13 DG  B N2     1 
ATOM   494 N N3     . DG  B 2 3  ? 4.483   -6.417  -7.860  1.00 0.17 ? 13 DG  B N3     1 
ATOM   495 C C4     . DG  B 2 3  ? 3.963   -5.269  -8.359  1.00 0.13 ? 13 DG  B C4     1 
ATOM   496 H "H5'"  . DG  B 2 3  ? 2.054   -5.879  -13.698 1.00 0.25 ? 13 DG  B "H5'"  1 
ATOM   497 H "H5''" . DG  B 2 3  ? 0.404   -6.505  -13.788 1.00 0.30 ? 13 DG  B "H5''" 1 
ATOM   498 H "H4'"  . DG  B 2 3  ? 1.575   -7.931  -12.190 1.00 0.19 ? 13 DG  B "H4'"  1 
ATOM   499 H "H3'"  . DG  B 2 3  ? -0.630  -6.320  -11.437 1.00 0.28 ? 13 DG  B "H3'"  1 
ATOM   500 H "H2'"  . DG  B 2 3  ? 0.440   -5.031  -9.756  1.00 0.22 ? 13 DG  B "H2'"  1 
ATOM   501 H "H2''" . DG  B 2 3  ? 0.225   -6.422  -8.823  1.00 0.21 ? 13 DG  B "H2''" 1 
ATOM   502 H "H1'"  . DG  B 2 3  ? 2.531   -7.236  -9.244  1.00 0.11 ? 13 DG  B "H1'"  1 
ATOM   503 H H8     . DG  B 2 3  ? 1.847   -3.447  -10.002 1.00 0.19 ? 13 DG  B H8     1 
ATOM   504 H H1     . DG  B 2 3  ? 6.710   -4.905  -5.957  1.00 0.31 ? 13 DG  B H1     1 
ATOM   505 H H21    . DG  B 2 3  ? 6.848   -7.108  -5.766  1.00 0.35 ? 13 DG  B H21    1 
ATOM   506 H H22    . DG  B 2 3  ? 5.684   -8.198  -6.580  1.00 0.31 ? 13 DG  B H22    1 
ATOM   507 P P      . DA  B 2 4  ? -1.371  -8.484  -9.419  1.00 0.29 ? 14 DA  B P      1 
ATOM   508 O OP1    . DA  B 2 4  ? -2.012  -9.793  -9.675  1.00 0.33 ? 14 DA  B OP1    1 
ATOM   509 O OP2    . DA  B 2 4  ? -2.282  -7.318  -9.321  1.00 0.34 ? 14 DA  B OP2    1 
ATOM   510 O "O5'"  . DA  B 2 4  ? -0.371  -8.576  -8.016  1.00 0.32 ? 14 DA  B "O5'"  1 
ATOM   511 C "C5'"  . DA  B 2 4  ? 0.816   -9.438  -8.078  1.00 0.37 ? 14 DA  B "C5'"  1 
ATOM   512 C "C4'"  . DA  B 2 4  ? 1.549   -9.388  -6.742  1.00 0.37 ? 14 DA  B "C4'"  1 
ATOM   513 O "O4'"  . DA  B 2 4  ? 2.290   -8.151  -6.656  1.00 0.35 ? 14 DA  B "O4'"  1 
ATOM   514 C "C3'"  . DA  B 2 4  ? 0.553   -9.377  -5.606  1.00 0.37 ? 14 DA  B "C3'"  1 
ATOM   515 O "O3'"  . DA  B 2 4  ? 0.882   -10.458 -4.704  1.00 0.45 ? 14 DA  B "O3'"  1 
ATOM   516 C "C2'"  . DA  B 2 4  ? 0.698   -8.041  -4.866  1.00 0.31 ? 14 DA  B "C2'"  1 
ATOM   517 C "C1'"  . DA  B 2 4  ? 2.122   -7.625  -5.330  1.00 0.31 ? 14 DA  B "C1'"  1 
ATOM   518 N N9     . DA  B 2 4  ? 2.242   -6.173  -5.436  1.00 0.27 ? 14 DA  B N9     1 
ATOM   519 C C8     . DA  B 2 4  ? 1.512   -5.279  -6.167  1.00 0.25 ? 14 DA  B C8     1 
ATOM   520 N N7     . DA  B 2 4  ? 1.916   -4.051  -6.014  1.00 0.23 ? 14 DA  B N7     1 
ATOM   521 C C5     . DA  B 2 4  ? 2.981   -4.165  -5.102  1.00 0.24 ? 14 DA  B C5     1 
ATOM   522 C C6     . DA  B 2 4  ? 3.782   -3.209  -4.454  1.00 0.25 ? 14 DA  B C6     1 
ATOM   523 N N6     . DA  B 2 4  ? 3.705   -1.910  -4.715  1.00 0.24 ? 14 DA  B N6     1 
ATOM   524 N N1     . DA  B 2 4  ? 4.666   -3.645  -3.546  1.00 0.27 ? 14 DA  B N1     1 
ATOM   525 C C2     . DA  B 2 4  ? 4.747   -4.945  -3.305  1.00 0.28 ? 14 DA  B C2     1 
ATOM   526 N N3     . DA  B 2 4  ? 4.066   -5.939  -3.844  1.00 0.28 ? 14 DA  B N3     1 
ATOM   527 C C4     . DA  B 2 4  ? 3.186   -5.458  -4.751  1.00 0.26 ? 14 DA  B C4     1 
ATOM   528 H "H5'"  . DA  B 2 4  ? 1.466   -9.094  -8.886  1.00 0.42 ? 14 DA  B "H5'"  1 
ATOM   529 H "H5''" . DA  B 2 4  ? 0.501   -10.457 -8.305  1.00 0.42 ? 14 DA  B "H5''" 1 
ATOM   530 H "H4'"  . DA  B 2 4  ? 2.220   -10.243 -6.639  1.00 0.40 ? 14 DA  B "H4'"  1 
ATOM   531 H "H3'"  . DA  B 2 4  ? -0.464  -9.506  -6.007  1.00 0.36 ? 14 DA  B "H3'"  1 
ATOM   532 H "H2'"  . DA  B 2 4  ? -0.076  -7.266  -5.208  1.00 0.28 ? 14 DA  B "H2'"  1 
ATOM   533 H "H2''" . DA  B 2 4  ? 0.621   -8.183  -3.741  1.00 0.31 ? 14 DA  B "H2''" 1 
ATOM   534 H "H1'"  . DA  B 2 4  ? 2.945   -8.013  -4.659  1.00 0.33 ? 14 DA  B "H1'"  1 
ATOM   535 H H8     . DA  B 2 4  ? 0.651   -5.569  -6.805  1.00 0.25 ? 14 DA  B H8     1 
ATOM   536 H H61    . DA  B 2 4  ? 4.359   -1.253  -4.259  1.00 0.25 ? 14 DA  B H61    1 
ATOM   537 H H62    . DA  B 2 4  ? 2.998   -1.560  -5.378  1.00 0.23 ? 14 DA  B H62    1 
ATOM   538 H H2     . DA  B 2 4  ? 5.479   -5.235  -2.557  1.00 0.30 ? 14 DA  B H2     1 
ATOM   539 P P      . DT  B 2 5  ? -0.132  -10.783 -3.339  1.00 0.53 ? 15 DT  B P      1 
ATOM   540 O OP1    . DT  B 2 5  ? -0.209  -12.243 -3.097  1.00 0.62 ? 15 DT  B OP1    1 
ATOM   541 O OP2    . DT  B 2 5  ? -1.427  -10.079 -3.492  1.00 0.49 ? 15 DT  B OP2    1 
ATOM   542 O "O5'"  . DT  B 2 5  ? 0.808   -10.018 -2.096  1.00 0.55 ? 15 DT  B "O5'"  1 
ATOM   543 C "C5'"  . DT  B 2 5  ? 1.512   -10.885 -1.147  1.00 0.52 ? 15 DT  B "C5'"  1 
ATOM   544 C "C4'"  . DT  B 2 5  ? 2.149   -10.044 -0.028  1.00 0.50 ? 15 DT  B "C4'"  1 
ATOM   545 O "O4'"  . DT  B 2 5  ? 2.551   -8.742  -0.549  1.00 0.46 ? 15 DT  B "O4'"  1 
ATOM   546 C "C3'"  . DT  B 2 5  ? 1.138   -9.769  1.070   1.00 0.48 ? 15 DT  B "C3'"  1 
ATOM   547 O "O3'"  . DT  B 2 5  ? 1.789   -10.046 2.333   1.00 0.54 ? 15 DT  B "O3'"  1 
ATOM   548 C "C2'"  . DT  B 2 5  ? 0.770   -8.296  0.988   1.00 0.40 ? 15 DT  B "C2'"  1 
ATOM   549 C "C1'"  . DT  B 2 5  ? 2.088   -7.735  0.379   1.00 0.41 ? 15 DT  B "C1'"  1 
ATOM   550 N N1     . DT  B 2 5  ? 1.889   -6.476  -0.380  1.00 0.36 ? 15 DT  B N1     1 
ATOM   551 C C2     . DT  B 2 5  ? 2.756   -5.391  -0.156  1.00 0.36 ? 15 DT  B C2     1 
ATOM   552 O O2     . DT  B 2 5  ? 3.684   -5.461  0.635   1.00 0.39 ? 15 DT  B O2     1 
ATOM   553 N N3     . DT  B 2 5  ? 2.510   -4.248  -0.875  1.00 0.32 ? 15 DT  B N3     1 
ATOM   554 C C4     . DT  B 2 5  ? 1.503   -4.065  -1.792  1.00 0.29 ? 15 DT  B C4     1 
ATOM   555 O O4     . DT  B 2 5  ? 1.380   -2.995  -2.377  1.00 0.27 ? 15 DT  B O4     1 
ATOM   556 C C5     . DT  B 2 5  ? 0.641   -5.223  -1.974  1.00 0.30 ? 15 DT  B C5     1 
ATOM   557 C C7     . DT  B 2 5  ? -0.473  -5.067  -2.973  1.00 0.28 ? 15 DT  B C7     1 
ATOM   558 C C6     . DT  B 2 5  ? 0.853   -6.368  -1.285  1.00 0.34 ? 15 DT  B C6     1 
ATOM   559 H "H5'"  . DT  B 2 5  ? 2.277   -11.445 -1.686  1.00 0.55 ? 15 DT  B "H5'"  1 
ATOM   560 H "H5''" . DT  B 2 5  ? 0.801   -11.601 -0.733  1.00 0.50 ? 15 DT  B "H5''" 1 
ATOM   561 H "H4'"  . DT  B 2 5  ? 3.011   -10.564 0.392   1.00 0.55 ? 15 DT  B "H4'"  1 
ATOM   562 H "H3'"  . DT  B 2 5  ? 0.255   -10.399 0.941   1.00 0.49 ? 15 DT  B "H3'"  1 
ATOM   563 H "H2'"  . DT  B 2 5  ? -0.069  -8.140  0.309   1.00 0.38 ? 15 DT  B "H2'"  1 
ATOM   564 H "H2''" . DT  B 2 5  ? 0.506   -7.860  1.975   1.00 0.37 ? 15 DT  B "H2''" 1 
ATOM   565 H "H1'"  . DT  B 2 5  ? 2.888   -7.561  1.164   1.00 0.42 ? 15 DT  B "H1'"  1 
ATOM   566 H H3     . DT  B 2 5  ? 3.123   -3.444  -0.696  1.00 0.32 ? 15 DT  B H3     1 
ATOM   567 H H71    . DT  B 2 5  ? -0.938  -6.037  -3.153  1.00 0.82 ? 15 DT  B H71    1 
ATOM   568 H H72    . DT  B 2 5  ? -1.219  -4.376  -2.580  1.00 0.75 ? 15 DT  B H72    1 
ATOM   569 H H73    . DT  B 2 5  ? -0.075  -4.676  -3.907  1.00 0.68 ? 15 DT  B H73    1 
ATOM   570 H H6     . DT  B 2 5  ? 0.171   -7.215  -1.431  1.00 0.35 ? 15 DT  B H6     1 
ATOM   571 P P      . DA  B 2 6  ? 1.032   -9.630  3.829   1.00 0.49 ? 16 DA  B P      1 
ATOM   572 O OP1    . DA  B 2 6  ? 1.544   -10.496 4.916   1.00 0.56 ? 16 DA  B OP1    1 
ATOM   573 O OP2    . DA  B 2 6  ? -0.440  -9.592  3.663   1.00 0.47 ? 16 DA  B OP2    1 
ATOM   574 O "O5'"  . DA  B 2 6  ? 1.648   -8.024  4.010   1.00 0.41 ? 16 DA  B "O5'"  1 
ATOM   575 C "C5'"  . DA  B 2 6  ? 3.104   -7.847  3.958   1.00 0.48 ? 16 DA  B "C5'"  1 
ATOM   576 C "C4'"  . DA  B 2 6  ? 3.483   -6.492  4.562   1.00 0.46 ? 16 DA  B "C4'"  1 
ATOM   577 O "O4'"  . DA  B 2 6  ? 3.344   -5.474  3.541   1.00 0.39 ? 16 DA  B "O4'"  1 
ATOM   578 C "C3'"  . DA  B 2 6  ? 2.533   -6.127  5.687   1.00 0.40 ? 16 DA  B "C3'"  1 
ATOM   579 O "O3'"  . DA  B 2 6  ? 3.315   -5.610  6.775   1.00 0.46 ? 16 DA  B "O3'"  1 
ATOM   580 C "C2'"  . DA  B 2 6  ? 1.595   -5.063  5.168   1.00 0.32 ? 16 DA  B "C2'"  1 
ATOM   581 C "C1'"  . DA  B 2 6  ? 2.505   -4.419  4.047   1.00 0.34 ? 16 DA  B "C1'"  1 
ATOM   582 N N9     . DA  B 2 6  ? 1.711   -3.962  2.914   1.00 0.30 ? 16 DA  B N9     1 
ATOM   583 C C8     . DA  B 2 6  ? 0.815   -4.635  2.160   1.00 0.31 ? 16 DA  B C8     1 
ATOM   584 N N7     . DA  B 2 6  ? 0.317   -3.920  1.191   1.00 0.32 ? 16 DA  B N7     1 
ATOM   585 C C5     . DA  B 2 6  ? 0.947   -2.679  1.352   1.00 0.31 ? 16 DA  B C5     1 
ATOM   586 C C6     . DA  B 2 6  ? 0.791   -1.444  0.701   1.00 0.32 ? 16 DA  B C6     1 
ATOM   587 N N6     . DA  B 2 6  ? 0.010   -1.279  -0.363  1.00 0.35 ? 16 DA  B N6     1 
ATOM   588 N N1     . DA  B 2 6  ? 1.487   -0.402  1.173   1.00 0.31 ? 16 DA  B N1     1 
ATOM   589 C C2     . DA  B 2 6  ? 2.282   -0.581  2.218   1.00 0.31 ? 16 DA  B C2     1 
ATOM   590 N N3     . DA  B 2 6  ? 2.522   -1.676  2.906   1.00 0.32 ? 16 DA  B N3     1 
ATOM   591 C C4     . DA  B 2 6  ? 1.805   -2.701  2.402   1.00 0.30 ? 16 DA  B C4     1 
ATOM   592 H "H5'"  . DA  B 2 6  ? 3.431   -7.906  2.914   1.00 0.50 ? 16 DA  B "H5'"  1 
ATOM   593 H "H5''" . DA  B 2 6  ? 3.579   -8.658  4.508   1.00 0.56 ? 16 DA  B "H5''" 1 
ATOM   594 H "H4'"  . DA  B 2 6  ? 4.505   -6.514  4.938   1.00 0.56 ? 16 DA  B "H4'"  1 
ATOM   595 H "H3'"  . DA  B 2 6  ? 1.968   -7.009  5.999   1.00 0.40 ? 16 DA  B "H3'"  1 
ATOM   596 H "H2'"  . DA  B 2 6  ? 0.657   -5.552  4.707   1.00 0.28 ? 16 DA  B "H2'"  1 
ATOM   597 H "H2''" . DA  B 2 6  ? 1.283   -4.317  6.004   1.00 0.33 ? 16 DA  B "H2''" 1 
ATOM   598 H "H1'"  . DA  B 2 6  ? 3.156   -3.553  4.407   1.00 0.37 ? 16 DA  B "H1'"  1 
ATOM   599 H H8     . DA  B 2 6  ? 0.526   -5.666  2.365   1.00 0.32 ? 16 DA  B H8     1 
ATOM   600 H H61    . DA  B 2 6  ? -0.020  -0.362  -0.842  1.00 0.37 ? 16 DA  B H61    1 
ATOM   601 H H62    . DA  B 2 6  ? -0.559  -2.065  -0.714  1.00 0.37 ? 16 DA  B H62    1 
ATOM   602 H H2     . DA  B 2 6  ? 2.810   0.304   2.554   1.00 0.34 ? 16 DA  B H2     1 
ATOM   603 P P      . DA  B 2 7  ? 2.628   -5.484  8.350   1.00 0.49 ? 17 DA  B P      1 
ATOM   604 O OP1    . DA  B 2 7  ? 3.610   -5.906  9.373   1.00 0.64 ? 17 DA  B OP1    1 
ATOM   605 O OP2    . DA  B 2 7  ? 1.309   -6.159  8.390   1.00 0.46 ? 17 DA  B OP2    1 
ATOM   606 O "O5'"  . DA  B 2 7  ? 2.416   -3.780  8.402   1.00 0.43 ? 17 DA  B "O5'"  1 
ATOM   607 C "C5'"  . DA  B 2 7  ? 3.412   -2.944  7.724   1.00 0.57 ? 17 DA  B "C5'"  1 
ATOM   608 C "C4'"  . DA  B 2 7  ? 3.099   -1.465  7.979   1.00 0.50 ? 17 DA  B "C4'"  1 
ATOM   609 O "O4'"  . DA  B 2 7  ? 2.399   -0.941  6.825   1.00 0.39 ? 17 DA  B "O4'"  1 
ATOM   610 C "C3'"  . DA  B 2 7  ? 2.152   -1.327  9.137   1.00 0.48 ? 17 DA  B "C3'"  1 
ATOM   611 O "O3'"  . DA  B 2 7  ? 2.485   -0.124  9.854   1.00 0.54 ? 17 DA  B "O3'"  1 
ATOM   612 C "C2'"  . DA  B 2 7  ? 0.768   -1.192  8.555   1.00 0.39 ? 17 DA  B "C2'"  1 
ATOM   613 C "C1'"  . DA  B 2 7  ? 1.089   -0.483  7.244   1.00 0.33 ? 17 DA  B "C1'"  1 
ATOM   614 N N9     . DA  B 2 7  ? 0.157   -0.868  6.188   1.00 0.26 ? 17 DA  B N9     1 
ATOM   615 C C8     . DA  B 2 7  ? -0.499  -2.037  5.988   1.00 0.24 ? 17 DA  B C8     1 
ATOM   616 N N7     . DA  B 2 7  ? -1.193  -2.055  4.887   1.00 0.22 ? 17 DA  B N7     1 
ATOM   617 C C5     . DA  B 2 7  ? -0.971  -0.786  4.348   1.00 0.21 ? 17 DA  B C5     1 
ATOM   618 C C6     . DA  B 2 7  ? -1.493  -0.128  3.231   1.00 0.23 ? 17 DA  B C6     1 
ATOM   619 N N6     . DA  B 2 7  ? -2.291  -0.716  2.342   1.00 0.29 ? 17 DA  B N6     1 
ATOM   620 N N1     . DA  B 2 7  ? -1.147  1.141   3.052   1.00 0.22 ? 17 DA  B N1     1 
ATOM   621 C C2     . DA  B 2 7  ? -0.332  1.720   3.915   1.00 0.20 ? 17 DA  B C2     1 
ATOM   622 N N3     . DA  B 2 7  ? 0.229   1.224   4.988   1.00 0.22 ? 17 DA  B N3     1 
ATOM   623 C C4     . DA  B 2 7  ? -0.139  -0.058  5.139   1.00 0.22 ? 17 DA  B C4     1 
ATOM   624 H "H5'"  . DA  B 2 7  ? 3.384   -3.160  6.648   1.00 0.82 ? 17 DA  B "H5'"  1 
ATOM   625 H "H5''" . DA  B 2 7  ? 4.404   -3.203  8.095   1.00 0.81 ? 17 DA  B "H5''" 1 
ATOM   626 H "H4'"  . DA  B 2 7  ? 4.013   -0.901  8.170   1.00 0.57 ? 17 DA  B "H4'"  1 
ATOM   627 H "H3'"  . DA  B 2 7  ? 2.223   -2.201  9.791   1.00 0.53 ? 17 DA  B "H3'"  1 
ATOM   628 H "H2'"  . DA  B 2 7  ? 0.303   -2.131  8.385   1.00 0.37 ? 17 DA  B "H2'"  1 
ATOM   629 H "H2''" . DA  B 2 7  ? 0.136   -0.633  9.166   1.00 0.41 ? 17 DA  B "H2''" 1 
ATOM   630 H "H1'"  . DA  B 2 7  ? 1.075   0.621   7.353   1.00 0.33 ? 17 DA  B "H1'"  1 
ATOM   631 H H8     . DA  B 2 7  ? -0.478  -2.861  6.709   1.00 0.26 ? 17 DA  B H8     1 
ATOM   632 H H61    . DA  B 2 7  ? -2.596  -0.196  1.500   1.00 0.33 ? 17 DA  B H61    1 
ATOM   633 H H62    . DA  B 2 7  ? -2.600  -1.690  2.489   1.00 0.29 ? 17 DA  B H62    1 
ATOM   634 H H2     . DA  B 2 7  ? -0.099  2.759   3.705   1.00 0.21 ? 17 DA  B H2     1 
ATOM   635 P P      . DT  B 2 8  ? 1.730   0.205   11.370  1.00 0.53 ? 18 DT  B P      1 
ATOM   636 O OP1    . DT  B 2 8  ? 2.753   0.606   12.363  1.00 0.49 ? 18 DT  B OP1    1 
ATOM   637 O OP2    . DT  B 2 8  ? 0.863   -0.939  11.755  1.00 0.60 ? 18 DT  B OP2    1 
ATOM   638 O "O5'"  . DT  B 2 8  ? 0.757   1.578   10.912  1.00 0.53 ? 18 DT  B "O5'"  1 
ATOM   639 C "C5'"  . DT  B 2 8  ? 1.446   2.774   10.400  1.00 0.47 ? 18 DT  B "C5'"  1 
ATOM   640 C "C4'"  . DT  B 2 8  ? 0.452   3.703   9.661   1.00 0.42 ? 18 DT  B "C4'"  1 
ATOM   641 O "O4'"  . DT  B 2 8  ? -0.220  2.953   8.578   1.00 0.37 ? 18 DT  B "O4'"  1 
ATOM   642 C "C3'"  . DT  B 2 8  ? -0.643  4.150   10.608  1.00 0.39 ? 18 DT  B "C3'"  1 
ATOM   643 O "O3'"  . DT  B 2 8  ? -0.687  5.592   10.667  1.00 0.43 ? 18 DT  B "O3'"  1 
ATOM   644 C "C2'"  . DT  B 2 8  ? -2.009  3.624   10.047  1.00 0.32 ? 18 DT  B "C2'"  1 
ATOM   645 C "C1'"  . DT  B 2 8  ? -1.641  3.299   8.571   1.00 0.30 ? 18 DT  B "C1'"  1 
ATOM   646 N N1     . DT  B 2 8  ? -2.353  2.075   8.050   1.00 0.25 ? 18 DT  B N1     1 
ATOM   647 C C2     . DT  B 2 8  ? -3.134  2.217   6.934   1.00 0.16 ? 18 DT  B C2     1 
ATOM   648 O O2     . DT  B 2 8  ? -3.344  3.311   6.464   1.00 0.13 ? 18 DT  B O2     1 
ATOM   649 N N3     . DT  B 2 8  ? -3.687  1.087   6.405   1.00 0.15 ? 18 DT  B N3     1 
ATOM   650 C C4     . DT  B 2 8  ? -3.548  -0.191  6.882   1.00 0.20 ? 18 DT  B C4     1 
ATOM   651 O O4     . DT  B 2 8  ? -4.068  -1.132  6.317   1.00 0.19 ? 18 DT  B O4     1 
ATOM   652 C C5     . DT  B 2 8  ? -2.732  -0.291  8.068   1.00 0.29 ? 18 DT  B C5     1 
ATOM   653 C C7     . DT  B 2 8  ? -2.553  -1.689  8.636   1.00 0.35 ? 18 DT  B C7     1 
ATOM   654 C C6     . DT  B 2 8  ? -2.162  0.820   8.614   1.00 0.31 ? 18 DT  B C6     1 
ATOM   655 H "H5'"  . DT  B 2 8  ? 2.244   2.455   9.721   1.00 0.45 ? 18 DT  B "H5'"  1 
ATOM   656 H "H5''" . DT  B 2 8  ? 1.908   3.297   11.235  1.00 0.49 ? 18 DT  B "H5''" 1 
ATOM   657 H "H4'"  . DT  B 2 8  ? 0.980   4.576   9.263   1.00 0.46 ? 18 DT  B "H4'"  1 
ATOM   658 H "H3'"  . DT  B 2 8  ? -0.426  3.747   11.630  1.00 0.41 ? 18 DT  B "H3'"  1 
ATOM   659 H "H2'"  . DT  B 2 8  ? -2.379  2.728   10.584  1.00 0.31 ? 18 DT  B "H2'"  1 
ATOM   660 H "H2''" . DT  B 2 8  ? -2.764  4.423   10.106  1.00 0.31 ? 18 DT  B "H2''" 1 
ATOM   661 H "H1'"  . DT  B 2 8  ? -1.875  4.189   7.827   1.00 0.31 ? 18 DT  B "H1'"  1 
ATOM   662 H H3     . DT  B 2 8  ? -4.255  1.207   5.580   1.00 0.14 ? 18 DT  B H3     1 
ATOM   663 H H71    . DT  B 2 8  ? -1.926  -1.649  9.521   1.00 0.92 ? 18 DT  B H71    1 
ATOM   664 H H72    . DT  B 2 8  ? -3.531  -2.108  8.907   1.00 0.86 ? 18 DT  B H72    1 
ATOM   665 H H73    . DT  B 2 8  ? -2.081  -2.333  7.887   1.00 0.99 ? 18 DT  B H73    1 
ATOM   666 H H6     . DT  B 2 8  ? -1.568  0.720   9.500   1.00 0.39 ? 18 DT  B H6     1 
ATOM   667 P P      . DC  B 2 9  ? -1.902  6.362   11.667  1.00 0.42 ? 19 DC  B P      1 
ATOM   668 O OP1    . DC  B 2 9  ? -1.443  7.703   12.084  1.00 0.44 ? 19 DC  B OP1    1 
ATOM   669 O OP2    . DC  B 2 9  ? -2.311  5.440   12.752  1.00 0.41 ? 19 DC  B OP2    1 
ATOM   670 O "O5'"  . DC  B 2 9  ? -3.190  6.492   10.508  1.00 0.51 ? 19 DC  B "O5'"  1 
ATOM   671 C "C5'"  . DC  B 2 9  ? -3.306  7.737   9.746   1.00 0.36 ? 19 DC  B "C5'"  1 
ATOM   672 C "C4'"  . DC  B 2 9  ? -4.728  7.901   9.192   1.00 0.33 ? 19 DC  B "C4'"  1 
ATOM   673 O "O4'"  . DC  B 2 9  ? -5.110  6.674   8.487   1.00 0.28 ? 19 DC  B "O4'"  1 
ATOM   674 C "C3'"  . DC  B 2 9  ? -5.723  8.102   10.316  1.00 0.38 ? 19 DC  B "C3'"  1 
ATOM   675 O "O3'"  . DC  B 2 9  ? -6.524  9.250   9.991   1.00 0.39 ? 19 DC  B "O3'"  1 
ATOM   676 C "C2'"  . DC  B 2 9  ? -6.600  6.863   10.397  1.00 0.36 ? 19 DC  B "C2'"  1 
ATOM   677 C "C1'"  . DC  B 2 9  ? -6.444  6.282   8.913   1.00 0.29 ? 19 DC  B "C1'"  1 
ATOM   678 N N1     . DC  B 2 9  ? -6.444  4.796   8.804   1.00 0.24 ? 19 DC  B N1     1 
ATOM   679 C C2     . DC  B 2 9  ? -7.253  4.206   7.832   1.00 0.21 ? 19 DC  B C2     1 
ATOM   680 O O2     . DC  B 2 9  ? -8.120  4.866   7.246   1.00 0.25 ? 19 DC  B O2     1 
ATOM   681 N N3     . DC  B 2 9  ? -7.099  2.877   7.583   1.00 0.17 ? 19 DC  B N3     1 
ATOM   682 C C4     . DC  B 2 9  ? -6.210  2.135   8.244   1.00 0.13 ? 19 DC  B C4     1 
ATOM   683 N N4     . DC  B 2 9  ? -6.073  0.843   7.928   1.00 0.10 ? 19 DC  B N4     1 
ATOM   684 C C5     . DC  B 2 9  ? -5.393  2.699   9.264   1.00 0.17 ? 19 DC  B C5     1 
ATOM   685 C C6     . DC  B 2 9  ? -5.534  4.040   9.514   1.00 0.22 ? 19 DC  B C6     1 
ATOM   686 H "H5'"  . DC  B 2 9  ? -2.576  7.713   8.923   1.00 0.40 ? 19 DC  B "H5'"  1 
ATOM   687 H "H5''" . DC  B 2 9  ? -3.054  8.565   10.393  1.00 0.36 ? 19 DC  B "H5''" 1 
ATOM   688 H "H4'"  . DC  B 2 9  ? -4.772  8.756   8.510   1.00 0.34 ? 19 DC  B "H4'"  1 
ATOM   689 H "H3'"  . DC  B 2 9  ? -5.205  8.260   11.265  1.00 0.41 ? 19 DC  B "H3'"  1 
ATOM   690 H "H2'"  . DC  B 2 9  ? -6.239  6.203   11.133  1.00 0.37 ? 19 DC  B "H2'"  1 
ATOM   691 H "H2''" . DC  B 2 9  ? -7.588  7.125   10.666  1.00 0.39 ? 19 DC  B "H2''" 1 
ATOM   692 H "H1'"  . DC  B 2 9  ? -7.236  6.687   8.154   1.00 0.31 ? 19 DC  B "H1'"  1 
ATOM   693 H H41    . DC  B 2 9  ? -6.589  0.440   7.139   1.00 0.12 ? 19 DC  B H41    1 
ATOM   694 H H42    . DC  B 2 9  ? -5.439  0.246   8.481   1.00 0.11 ? 19 DC  B H42    1 
ATOM   695 H H5     . DC  B 2 9  ? -4.694  2.090   9.837   1.00 0.18 ? 19 DC  B H5     1 
ATOM   696 H H6     . DC  B 2 9  ? -4.941  4.519   10.289  1.00 0.27 ? 19 DC  B H6     1 
ATOM   697 P P      . DA  B 2 10 ? -6.099  10.802  10.640  1.00 0.41 ? 20 DA  B P      1 
ATOM   698 O OP1    . DA  B 2 10 ? -5.930  11.792  9.548   1.00 0.42 ? 20 DA  B OP1    1 
ATOM   699 O OP2    . DA  B 2 10 ? -4.960  10.670  11.585  1.00 0.42 ? 20 DA  B OP2    1 
ATOM   700 O "O5'"  . DA  B 2 10 ? -7.553  11.125  11.511  1.00 0.40 ? 20 DA  B "O5'"  1 
ATOM   701 C "C5'"  . DA  B 2 10 ? -8.691  11.659  10.764  1.00 0.44 ? 20 DA  B "C5'"  1 
ATOM   702 C "C4'"  . DA  B 2 10 ? -9.971  11.168  11.374  1.00 0.43 ? 20 DA  B "C4'"  1 
ATOM   703 O "O4'"  . DA  B 2 10 ? -9.968  9.709   11.376  1.00 0.39 ? 20 DA  B "O4'"  1 
ATOM   704 C "C3'"  . DA  B 2 10 ? -9.984  11.611  12.776  1.00 0.42 ? 20 DA  B "C3'"  1 
ATOM   705 O "O3'"  . DA  B 2 10 ? -11.299 11.850  13.191  1.00 0.44 ? 20 DA  B "O3'"  1 
ATOM   706 C "C2'"  . DA  B 2 10 ? -9.396  10.393  13.620  1.00 0.41 ? 20 DA  B "C2'"  1 
ATOM   707 C "C1'"  . DA  B 2 10 ? -9.975  9.231   12.740  1.00 0.40 ? 20 DA  B "C1'"  1 
ATOM   708 N N9     . DA  B 2 10 ? -9.195  7.945   12.724  1.00 0.39 ? 20 DA  B N9     1 
ATOM   709 C C8     . DA  B 2 10 ? -8.195  7.432   13.532  1.00 0.41 ? 20 DA  B C8     1 
ATOM   710 N N7     . DA  B 2 10 ? -7.897  6.209   13.264  1.00 0.40 ? 20 DA  B N7     1 
ATOM   711 C C5     . DA  B 2 10 ? -8.728  5.878   12.205  1.00 0.38 ? 20 DA  B C5     1 
ATOM   712 C C6     . DA  B 2 10 ? -8.942  4.665   11.510  1.00 0.38 ? 20 DA  B C6     1 
ATOM   713 N N6     . DA  B 2 10 ? -8.301  3.518   11.783  1.00 0.40 ? 20 DA  B N6     1 
ATOM   714 N N1     . DA  B 2 10 ? -9.885  4.649   10.561  1.00 0.38 ? 20 DA  B N1     1 
ATOM   715 C C2     . DA  B 2 10 ? -10.582 5.745   10.316  1.00 0.36 ? 20 DA  B C2     1 
ATOM   716 N N3     . DA  B 2 10 ? -10.495 6.934   10.882  1.00 0.36 ? 20 DA  B N3     1 
ATOM   717 C C4     . DA  B 2 10 ? -9.517  6.925   11.843  1.00 0.37 ? 20 DA  B C4     1 
ATOM   718 H "H5'"  . DA  B 2 10 ? -8.621  11.346  9.718   1.00 0.43 ? 20 DA  B "H5'"  1 
ATOM   719 H "H5''" . DA  B 2 10 ? -8.657  12.740  10.801  1.00 0.51 ? 20 DA  B "H5''" 1 
ATOM   720 H "H4'"  . DA  B 2 10 ? -10.835 11.559  10.842  1.00 0.46 ? 20 DA  B "H4'"  1 
ATOM   721 H "H3'"  . DA  B 2 10 ? -9.403  12.604  12.860  1.00 0.43 ? 20 DA  B "H3'"  1 
ATOM   722 H "HO3'" . DA  B 2 10 ? -11.826 12.474  12.362  1.00 0.38 ? 20 DA  B "HO3'" 1 
ATOM   723 H "H2'"  . DA  B 2 10 ? -8.327  10.339  13.640  1.00 0.41 ? 20 DA  B "H2'"  1 
ATOM   724 H "H2''" . DA  B 2 10 ? -9.734  10.386  14.638  1.00 0.43 ? 20 DA  B "H2''" 1 
ATOM   725 H "H1'"  . DA  B 2 10 ? -11.036 8.984   13.032  1.00 0.42 ? 20 DA  B "H1'"  1 
ATOM   726 H H8     . DA  B 2 10 ? -7.647  7.994   14.211  1.00 0.43 ? 20 DA  B H8     1 
ATOM   727 H H61    . DA  B 2 10 ? -8.471  2.681   11.181  1.00 0.41 ? 20 DA  B H61    1 
ATOM   728 H H62    . DA  B 2 10 ? -7.645  3.453   12.589  1.00 0.40 ? 20 DA  B H62    1 
ATOM   729 H H2     . DA  B 2 10 ? -11.320 5.664   9.509   1.00 0.36 ? 20 DA  B H2     1 
# 
